data_1U3U
#
_entry.id   1U3U
#
_cell.length_a   44.080
_cell.length_b   52.510
_cell.length_c   90.120
_cell.angle_alpha   79.76
_cell.angle_beta   89.67
_cell.angle_gamma   68.97
#
_symmetry.space_group_name_H-M   'P 1'
#
loop_
_entity.id
_entity.type
_entity.pdbx_description
1 polymer 'Alcohol dehydrogenase beta chain'
2 non-polymer 'ZINC ION'
3 non-polymer NICOTINAMIDE-ADENINE-DINUCLEOTIDE
4 non-polymer N-BENZYLFORMAMIDE
5 non-polymer 'PHOSPHATE ION'
6 water water
#
_entity_poly.entity_id   1
_entity_poly.type   'polypeptide(L)'
_entity_poly.pdbx_seq_one_letter_code
;STAGKVIKCKAAVLWEVKKPFSIEDVEVAPPKAYEVRIKMVAVGICRTDDHVVSGNLVTPLPVILGHEAAGIVESVGEGV
TTVKPGDKVIPLFTPQCGKCRVCKNPESNYCLKNDLGNPRGTLQDGTRRFTCRGKPIHHFLGTSTFSQYTVVDENAVAKI
DAASPLEKVCLIGCGFSTGYGSAVNVAKVTPGSTCAVFGLGGVGLSAVMGCKAAGAARIIAVDINKDKFAKAKELGATEC
INPQDYKKPIQEVLKEMTDGGVDFSFEVIGRLDTMMASLLCCHEACGTSVIVGVPPASQNLSINPMLLLTGRTWKGAVYG
GFKSKEGIPKLVADFMAKKFSLDALITHVLPFEKINEGFDLLHSGKSIRTVLTF
;
_entity_poly.pdbx_strand_id   A,B
#
loop_
_chem_comp.id
_chem_comp.type
_chem_comp.name
_chem_comp.formula
BNF non-polymer N-BENZYLFORMAMIDE 'C8 H9 N O'
NAD non-polymer NICOTINAMIDE-ADENINE-DINUCLEOTIDE 'C21 H27 N7 O14 P2'
PO4 non-polymer 'PHOSPHATE ION' 'O4 P -3'
ZN non-polymer 'ZINC ION' 'Zn 2'
#
# COMPACT_ATOMS: atom_id res chain seq x y z
N SER A 1 -8.46 49.35 18.56
CA SER A 1 -9.30 48.23 18.02
C SER A 1 -8.78 47.78 16.66
N THR A 2 -8.99 46.50 16.34
CA THR A 2 -8.56 45.96 15.06
C THR A 2 -9.67 45.28 14.27
N ALA A 3 -10.71 44.79 14.95
CA ALA A 3 -11.79 44.11 14.24
C ALA A 3 -12.40 44.99 13.15
N GLY A 4 -12.56 44.40 11.97
CA GLY A 4 -13.12 45.11 10.84
C GLY A 4 -12.15 45.99 10.09
N LYS A 5 -10.92 46.10 10.60
CA LYS A 5 -9.92 46.94 9.97
C LYS A 5 -8.77 46.14 9.37
N VAL A 6 -8.14 46.74 8.38
CA VAL A 6 -6.93 46.16 7.81
C VAL A 6 -5.88 46.23 8.94
N ILE A 7 -5.13 45.16 9.15
CA ILE A 7 -4.07 45.18 10.16
C ILE A 7 -2.73 45.35 9.47
N LYS A 8 -1.90 46.23 10.01
CA LYS A 8 -0.54 46.41 9.47
C LYS A 8 0.36 45.70 10.47
N CYS A 9 1.17 44.77 9.98
CA CYS A 9 2.04 44.02 10.91
C CYS A 9 3.27 43.50 10.16
N LYS A 10 4.08 42.72 10.85
CA LYS A 10 5.28 42.18 10.25
C LYS A 10 5.06 40.74 9.85
N ALA A 11 5.70 40.34 8.75
CA ALA A 11 5.61 38.95 8.29
C ALA A 11 6.89 38.61 7.57
N ALA A 12 7.17 37.31 7.48
CA ALA A 12 8.36 36.85 6.76
C ALA A 12 7.88 36.46 5.37
N VAL A 13 8.31 37.24 4.38
CA VAL A 13 7.90 37.03 2.99
C VAL A 13 9.00 36.38 2.17
N LEU A 14 8.63 35.36 1.39
CA LEU A 14 9.57 34.71 0.48
C LEU A 14 9.24 35.26 -0.90
N TRP A 15 10.11 36.14 -1.40
CA TRP A 15 9.90 36.75 -2.70
C TRP A 15 10.38 35.90 -3.85
N GLU A 16 11.38 35.07 -3.58
CA GLU A 16 12.00 34.27 -4.64
C GLU A 16 12.56 32.99 -4.01
N VAL A 17 12.53 31.89 -4.77
CA VAL A 17 13.08 30.64 -4.23
C VAL A 17 14.57 30.79 -4.01
N LYS A 18 15.09 29.96 -3.10
CA LYS A 18 16.52 29.91 -2.79
C LYS A 18 17.13 31.22 -2.28
N LYS A 19 16.31 32.01 -1.59
CA LYS A 19 16.71 33.28 -1.01
C LYS A 19 16.23 33.31 0.44
N PRO A 20 16.83 34.19 1.26
CA PRO A 20 16.44 34.30 2.66
C PRO A 20 15.05 34.91 2.75
N PHE A 21 14.41 34.72 3.89
CA PHE A 21 13.12 35.34 4.11
C PHE A 21 13.39 36.81 4.37
N SER A 22 12.44 37.67 3.99
CA SER A 22 12.59 39.09 4.24
C SER A 22 11.48 39.50 5.18
N ILE A 23 11.85 40.04 6.32
CA ILE A 23 10.87 40.50 7.29
C ILE A 23 10.36 41.84 6.76
N GLU A 24 9.09 41.84 6.36
CA GLU A 24 8.45 43.01 5.76
C GLU A 24 7.24 43.50 6.52
N ASP A 25 6.87 44.74 6.23
CA ASP A 25 5.63 45.29 6.77
C ASP A 25 4.59 44.83 5.75
N VAL A 26 3.54 44.18 6.24
CA VAL A 26 2.47 43.70 5.37
C VAL A 26 1.10 44.20 5.84
N GLU A 27 0.11 44.10 4.96
CA GLU A 27 -1.26 44.47 5.31
C GLU A 27 -2.11 43.20 5.26
N VAL A 28 -2.87 42.97 6.32
CA VAL A 28 -3.75 41.80 6.45
C VAL A 28 -5.21 42.24 6.48
N ALA A 29 -5.95 41.84 5.45
CA ALA A 29 -7.35 42.21 5.35
C ALA A 29 -8.20 41.57 6.44
N PRO A 30 -9.35 42.19 6.76
CA PRO A 30 -10.19 41.59 7.79
C PRO A 30 -10.76 40.28 7.28
N PRO A 31 -11.14 39.38 8.20
CA PRO A 31 -11.69 38.11 7.75
C PRO A 31 -13.07 38.21 7.10
N LYS A 32 -13.24 37.47 6.01
CA LYS A 32 -14.52 37.44 5.32
C LYS A 32 -15.43 36.43 6.03
N ALA A 33 -16.59 36.16 5.45
CA ALA A 33 -17.49 35.20 6.06
C ALA A 33 -16.75 33.85 6.17
N TYR A 34 -16.94 33.20 7.30
CA TYR A 34 -16.36 31.90 7.59
C TYR A 34 -14.84 31.88 7.63
N GLU A 35 -14.25 33.02 7.98
CA GLU A 35 -12.80 33.17 8.13
C GLU A 35 -12.49 33.65 9.53
N VAL A 36 -11.26 33.38 9.96
CA VAL A 36 -10.77 33.73 11.30
C VAL A 36 -9.42 34.41 11.22
N ARG A 37 -9.29 35.60 11.83
CA ARG A 37 -8.01 36.30 11.83
C ARG A 37 -7.39 36.00 13.19
N ILE A 38 -6.15 35.52 13.16
CA ILE A 38 -5.47 35.07 14.36
C ILE A 38 -4.15 35.81 14.62
N LYS A 39 -3.93 36.17 15.89
CA LYS A 39 -2.69 36.80 16.30
C LYS A 39 -1.77 35.64 16.67
N MET A 40 -0.68 35.47 15.91
CA MET A 40 0.26 34.37 16.14
C MET A 40 1.05 34.53 17.44
N VAL A 41 1.26 33.43 18.14
CA VAL A 41 2.01 33.43 19.36
C VAL A 41 3.32 32.65 19.20
N ALA A 42 3.25 31.49 18.55
CA ALA A 42 4.42 30.67 18.35
C ALA A 42 4.29 29.87 17.06
N VAL A 43 5.41 29.67 16.37
CA VAL A 43 5.42 28.89 15.15
C VAL A 43 6.67 28.03 15.11
N GLY A 44 6.49 26.76 14.71
CA GLY A 44 7.63 25.87 14.60
C GLY A 44 8.13 25.82 13.18
N ILE A 45 9.44 25.57 13.01
CA ILE A 45 10.02 25.48 11.67
C ILE A 45 9.98 24.02 11.23
N CYS A 46 9.16 23.78 10.20
CA CYS A 46 8.96 22.43 9.65
C CYS A 46 9.73 22.29 8.32
N ARG A 47 10.27 21.12 8.03
CA ARG A 47 10.98 20.95 6.76
C ARG A 47 10.11 21.29 5.56
N THR A 48 8.78 21.13 5.69
CA THR A 48 7.86 21.45 4.59
C THR A 48 7.97 22.91 4.17
N ASP A 49 8.14 23.81 5.13
CA ASP A 49 8.31 25.22 4.78
C ASP A 49 9.62 25.38 3.99
N ASP A 50 10.67 24.71 4.44
CA ASP A 50 11.97 24.76 3.79
C ASP A 50 11.92 24.22 2.36
N HIS A 51 11.07 23.22 2.10
CA HIS A 51 10.95 22.67 0.75
C HIS A 51 10.51 23.72 -0.26
N VAL A 52 9.75 24.73 0.16
CA VAL A 52 9.36 25.76 -0.80
C VAL A 52 10.57 26.60 -1.16
N VAL A 53 11.39 26.92 -0.15
CA VAL A 53 12.60 27.73 -0.35
C VAL A 53 13.58 26.99 -1.28
N SER A 54 13.75 25.70 -1.04
CA SER A 54 14.71 24.95 -1.84
C SER A 54 14.21 24.58 -3.24
N GLY A 55 12.92 24.80 -3.49
CA GLY A 55 12.36 24.48 -4.79
C GLY A 55 11.85 23.03 -4.88
N ASN A 56 11.84 22.31 -3.76
CA ASN A 56 11.37 20.94 -3.80
C ASN A 56 9.85 20.80 -3.75
N LEU A 57 9.17 21.83 -3.26
CA LEU A 57 7.71 21.85 -3.15
C LEU A 57 7.25 23.10 -3.88
N VAL A 58 6.46 22.90 -4.92
CA VAL A 58 5.95 24.00 -5.71
C VAL A 58 4.67 24.63 -5.12
N THR A 59 4.68 25.96 -5.00
CA THR A 59 3.54 26.72 -4.51
C THR A 59 3.77 28.14 -5.08
N PRO A 60 2.68 28.90 -5.34
CA PRO A 60 2.85 30.25 -5.90
C PRO A 60 3.62 31.23 -5.02
N LEU A 61 4.49 32.01 -5.67
CA LEU A 61 5.28 33.04 -5.01
C LEU A 61 4.85 34.40 -5.59
N PRO A 62 5.01 35.48 -4.82
CA PRO A 62 5.61 35.58 -3.48
C PRO A 62 4.64 34.96 -2.47
N VAL A 63 5.16 34.58 -1.31
CA VAL A 63 4.34 33.87 -0.36
C VAL A 63 4.80 34.03 1.09
N ILE A 64 3.83 33.87 1.99
CA ILE A 64 4.10 33.87 3.41
C ILE A 64 3.91 32.39 3.79
N LEU A 65 5.02 31.75 4.14
CA LEU A 65 4.99 30.35 4.54
C LEU A 65 4.60 30.24 6.00
N GLY A 66 4.82 29.05 6.57
CA GLY A 66 4.47 28.82 7.97
C GLY A 66 3.14 28.08 8.11
N HIS A 67 3.14 27.00 8.89
CA HIS A 67 1.87 26.25 9.07
C HIS A 67 1.76 25.55 10.42
N GLU A 68 2.89 25.33 11.08
CA GLU A 68 2.92 24.65 12.38
C GLU A 68 2.89 25.77 13.40
N ALA A 69 1.74 26.01 14.03
CA ALA A 69 1.68 27.15 14.92
C ALA A 69 0.53 27.14 15.93
N ALA A 70 0.48 28.20 16.74
CA ALA A 70 -0.62 28.36 17.71
C ALA A 70 -0.75 29.86 17.95
N GLY A 71 -1.98 30.30 18.17
CA GLY A 71 -2.20 31.71 18.40
C GLY A 71 -3.54 31.96 19.08
N ILE A 72 -3.94 33.23 19.07
CA ILE A 72 -5.19 33.66 19.71
C ILE A 72 -6.06 34.38 18.71
N VAL A 73 -7.34 34.05 18.69
CA VAL A 73 -8.25 34.67 17.74
C VAL A 73 -8.41 36.17 18.01
N GLU A 74 -8.19 36.99 16.97
CA GLU A 74 -8.30 38.44 17.07
C GLU A 74 -9.71 38.85 16.65
N SER A 75 -10.22 38.22 15.58
CA SER A 75 -11.58 38.52 15.13
C SER A 75 -12.09 37.43 14.22
N VAL A 76 -13.40 37.35 14.09
CA VAL A 76 -14.01 36.33 13.23
C VAL A 76 -14.96 36.97 12.23
N GLY A 77 -15.03 36.37 11.04
CA GLY A 77 -15.94 36.88 10.06
C GLY A 77 -17.37 36.46 10.36
N GLU A 78 -18.29 36.90 9.49
CA GLU A 78 -19.68 36.56 9.66
C GLU A 78 -19.88 35.06 9.47
N GLY A 79 -20.76 34.49 10.29
CA GLY A 79 -21.07 33.08 10.18
C GLY A 79 -20.20 32.16 11.00
N VAL A 80 -19.07 32.64 11.53
CA VAL A 80 -18.20 31.77 12.32
C VAL A 80 -18.86 31.38 13.64
N THR A 81 -18.77 30.10 13.97
CA THR A 81 -19.39 29.56 15.19
C THR A 81 -18.50 28.71 16.06
N THR A 82 -17.42 28.15 15.49
CA THR A 82 -16.58 27.22 16.25
C THR A 82 -15.50 27.85 17.13
N VAL A 83 -15.18 29.11 16.86
CA VAL A 83 -14.19 29.84 17.64
C VAL A 83 -14.68 31.28 17.77
N LYS A 84 -14.16 31.98 18.76
CA LYS A 84 -14.53 33.37 18.99
C LYS A 84 -13.29 34.11 19.43
N PRO A 85 -13.30 35.45 19.36
CA PRO A 85 -12.15 36.25 19.76
C PRO A 85 -11.63 35.87 21.15
N GLY A 86 -10.31 35.76 21.27
CA GLY A 86 -9.69 35.40 22.53
C GLY A 86 -9.40 33.92 22.70
N ASP A 87 -10.02 33.09 21.88
CA ASP A 87 -9.78 31.64 21.97
C ASP A 87 -8.37 31.29 21.51
N LYS A 88 -7.78 30.28 22.15
CA LYS A 88 -6.46 29.79 21.72
C LYS A 88 -6.78 28.79 20.63
N VAL A 89 -6.05 28.87 19.52
CA VAL A 89 -6.29 28.01 18.38
C VAL A 89 -5.02 27.56 17.70
N ILE A 90 -5.17 26.45 16.98
CA ILE A 90 -4.08 25.93 16.16
C ILE A 90 -4.59 25.82 14.71
N PRO A 91 -3.92 26.51 13.77
CA PRO A 91 -4.35 26.42 12.37
C PRO A 91 -3.98 25.05 11.85
N LEU A 92 -4.66 24.62 10.78
CA LEU A 92 -4.48 23.25 10.26
C LEU A 92 -4.12 23.29 8.78
N PHE A 93 -3.00 22.67 8.40
CA PHE A 93 -2.55 22.69 7.00
C PHE A 93 -3.45 21.91 6.05
N THR A 94 -4.24 21.02 6.63
CA THR A 94 -5.25 20.28 5.88
C THR A 94 -6.51 20.62 6.65
N PRO A 95 -7.53 21.13 5.97
CA PRO A 95 -8.77 21.49 6.65
C PRO A 95 -9.67 20.28 6.90
N GLN A 96 -10.76 20.50 7.62
CA GLN A 96 -11.76 19.45 7.87
C GLN A 96 -13.10 20.11 7.66
N CYS A 97 -13.53 20.20 6.39
CA CYS A 97 -14.79 20.85 6.07
C CYS A 97 -15.99 20.14 6.67
N GLY A 98 -15.84 18.85 6.91
CA GLY A 98 -16.90 18.05 7.50
C GLY A 98 -18.04 17.68 6.55
N LYS A 99 -17.96 18.14 5.29
CA LYS A 99 -19.02 17.91 4.33
C LYS A 99 -18.70 17.07 3.10
N CYS A 100 -17.43 16.97 2.75
CA CYS A 100 -17.03 16.24 1.56
C CYS A 100 -16.94 14.72 1.77
N ARG A 101 -16.79 14.01 0.65
CA ARG A 101 -16.68 12.56 0.68
C ARG A 101 -15.58 12.09 1.66
N VAL A 102 -14.44 12.79 1.61
CA VAL A 102 -13.29 12.46 2.45
C VAL A 102 -13.55 12.71 3.94
N CYS A 103 -14.17 13.84 4.25
CA CYS A 103 -14.44 14.13 5.64
C CYS A 103 -15.45 13.16 6.23
N LYS A 104 -16.37 12.69 5.40
CA LYS A 104 -17.40 11.75 5.86
C LYS A 104 -16.89 10.33 6.00
N ASN A 105 -15.81 10.01 5.29
CA ASN A 105 -15.21 8.68 5.33
C ASN A 105 -14.37 8.64 6.62
N PRO A 106 -14.72 7.75 7.54
CA PRO A 106 -13.98 7.64 8.80
C PRO A 106 -12.49 7.30 8.69
N GLU A 107 -12.08 6.70 7.56
CA GLU A 107 -10.68 6.30 7.41
C GLU A 107 -9.77 7.31 6.69
N SER A 108 -10.31 8.44 6.26
CA SER A 108 -9.49 9.39 5.50
C SER A 108 -9.50 10.79 6.10
N ASN A 109 -8.56 11.61 5.66
CA ASN A 109 -8.49 12.99 6.18
C ASN A 109 -8.04 14.05 5.18
N TYR A 110 -7.76 13.66 3.94
CA TYR A 110 -7.28 14.61 2.93
C TYR A 110 -8.49 15.35 2.37
N CYS A 111 -9.05 16.21 3.21
CA CYS A 111 -10.25 17.01 2.87
C CYS A 111 -10.14 17.68 1.52
N LEU A 112 -11.23 17.68 0.74
CA LEU A 112 -11.23 18.27 -0.59
C LEU A 112 -11.04 19.78 -0.68
N LYS A 113 -11.08 20.45 0.49
CA LYS A 113 -10.84 21.88 0.51
C LYS A 113 -9.37 22.20 0.71
N ASN A 114 -8.51 21.18 0.64
CA ASN A 114 -7.07 21.38 0.81
C ASN A 114 -6.42 22.17 -0.34
N ASP A 115 -5.27 22.78 -0.06
CA ASP A 115 -4.51 23.51 -1.07
C ASP A 115 -3.12 22.82 -1.18
N LEU A 116 -3.12 21.49 -1.16
CA LEU A 116 -1.89 20.72 -1.18
C LEU A 116 -1.51 20.09 -2.53
N GLY A 117 -2.50 19.70 -3.32
CA GLY A 117 -2.25 19.03 -4.59
C GLY A 117 -1.67 19.87 -5.72
N ASN A 118 -2.40 20.90 -6.13
CA ASN A 118 -1.95 21.82 -7.17
C ASN A 118 -2.27 23.13 -6.44
N PRO A 119 -1.37 23.55 -5.54
CA PRO A 119 -1.55 24.77 -4.75
C PRO A 119 -1.88 26.05 -5.50
N ARG A 120 -2.87 26.78 -4.96
CA ARG A 120 -3.31 28.06 -5.50
C ARG A 120 -2.70 29.17 -4.64
N GLY A 121 -2.36 28.86 -3.40
CA GLY A 121 -1.80 29.89 -2.52
C GLY A 121 -2.85 30.92 -2.13
N THR A 122 -4.08 30.48 -1.93
CA THR A 122 -5.16 31.38 -1.56
C THR A 122 -5.97 30.77 -0.42
N LEU A 123 -7.00 31.51 0.03
CA LEU A 123 -7.90 30.94 1.02
C LEU A 123 -8.92 30.14 0.20
N GLN A 124 -9.86 29.47 0.86
CA GLN A 124 -10.81 28.65 0.11
C GLN A 124 -11.69 29.39 -0.89
N ASP A 125 -11.86 30.70 -0.72
CA ASP A 125 -12.66 31.44 -1.68
C ASP A 125 -11.85 31.83 -2.93
N GLY A 126 -10.60 31.36 -3.02
CA GLY A 126 -9.75 31.64 -4.16
C GLY A 126 -9.06 32.98 -4.17
N THR A 127 -9.10 33.70 -3.05
CA THR A 127 -8.47 35.01 -2.97
C THR A 127 -7.49 35.07 -1.82
N ARG A 128 -6.70 36.14 -1.79
CA ARG A 128 -5.64 36.37 -0.81
C ARG A 128 -5.96 37.55 0.09
N ARG A 129 -5.49 37.47 1.33
CA ARG A 129 -5.73 38.52 2.32
C ARG A 129 -4.50 39.36 2.60
N PHE A 130 -3.39 39.04 1.97
CA PHE A 130 -2.12 39.71 2.21
C PHE A 130 -1.65 40.64 1.10
N THR A 131 -1.06 41.77 1.49
CA THR A 131 -0.46 42.68 0.52
C THR A 131 0.82 43.17 1.16
N CYS A 132 1.81 43.49 0.32
CA CYS A 132 3.09 43.97 0.83
C CYS A 132 3.72 44.81 -0.25
N ARG A 133 4.05 46.04 0.10
CA ARG A 133 4.69 46.95 -0.85
C ARG A 133 3.98 47.01 -2.19
N GLY A 134 2.65 47.12 -2.12
CA GLY A 134 1.81 47.22 -3.30
C GLY A 134 1.59 45.95 -4.10
N LYS A 135 2.02 44.81 -3.55
CA LYS A 135 1.88 43.54 -4.25
C LYS A 135 1.07 42.52 -3.46
N PRO A 136 0.21 41.74 -4.13
CA PRO A 136 -0.54 40.74 -3.37
C PRO A 136 0.43 39.61 -3.02
N ILE A 137 0.25 39.01 -1.85
CA ILE A 137 1.14 37.93 -1.41
C ILE A 137 0.31 36.69 -1.17
N HIS A 138 0.79 35.56 -1.67
CA HIS A 138 0.09 34.30 -1.52
C HIS A 138 0.12 33.71 -0.14
N HIS A 139 -0.88 32.89 0.12
CA HIS A 139 -0.99 32.13 1.36
C HIS A 139 -0.27 30.80 1.11
N PHE A 140 -0.05 30.05 2.18
CA PHE A 140 0.62 28.76 2.05
C PHE A 140 -0.15 27.74 2.87
N LEU A 141 -0.58 26.66 2.21
CA LEU A 141 -1.34 25.55 2.82
C LEU A 141 -2.55 26.08 3.60
N GLY A 142 -3.06 27.23 3.12
CA GLY A 142 -4.19 27.90 3.74
C GLY A 142 -3.95 28.52 5.11
N THR A 143 -2.70 28.48 5.61
CA THR A 143 -2.39 28.95 6.95
C THR A 143 -1.47 30.16 7.09
N SER A 144 -0.39 30.20 6.33
CA SER A 144 0.58 31.34 6.36
C SER A 144 0.84 31.88 7.77
N THR A 145 1.51 31.06 8.60
CA THR A 145 1.75 31.45 9.98
C THR A 145 3.04 32.20 10.27
N PHE A 146 3.85 32.48 9.24
CA PHE A 146 5.07 33.28 9.46
C PHE A 146 4.67 34.76 9.38
N SER A 147 3.64 35.14 10.14
CA SER A 147 3.17 36.52 10.13
C SER A 147 2.56 36.78 11.49
N GLN A 148 2.69 38.02 11.97
CA GLN A 148 2.12 38.36 13.27
C GLN A 148 0.63 38.13 13.30
N TYR A 149 -0.01 38.25 12.14
CA TYR A 149 -1.43 38.01 12.00
C TYR A 149 -1.68 37.30 10.68
N THR A 150 -2.57 36.31 10.70
CA THR A 150 -2.93 35.60 9.48
C THR A 150 -4.44 35.41 9.47
N VAL A 151 -5.01 35.18 8.29
CA VAL A 151 -6.45 34.92 8.16
C VAL A 151 -6.52 33.49 7.62
N VAL A 152 -7.35 32.68 8.28
CA VAL A 152 -7.51 31.26 7.91
C VAL A 152 -8.98 30.91 7.82
N ASP A 153 -9.30 29.95 6.97
CA ASP A 153 -10.68 29.47 6.85
C ASP A 153 -11.08 28.78 8.16
N GLU A 154 -12.33 28.99 8.58
CA GLU A 154 -12.80 28.40 9.83
C GLU A 154 -12.59 26.90 9.95
N ASN A 155 -12.81 26.17 8.85
CA ASN A 155 -12.65 24.71 8.88
C ASN A 155 -11.17 24.27 8.92
N ALA A 156 -10.26 25.25 9.01
CA ALA A 156 -8.81 24.98 9.12
C ALA A 156 -8.27 25.61 10.40
N VAL A 157 -9.17 25.85 11.36
CA VAL A 157 -8.79 26.43 12.64
C VAL A 157 -9.40 25.57 13.74
N ALA A 158 -8.55 25.06 14.63
CA ALA A 158 -9.04 24.26 15.76
C ALA A 158 -8.94 24.97 17.11
N LYS A 159 -10.05 24.97 17.86
CA LYS A 159 -10.04 25.55 19.19
C LYS A 159 -9.40 24.57 20.17
N ILE A 160 -8.50 25.06 21.01
CA ILE A 160 -7.80 24.22 21.96
C ILE A 160 -7.96 24.75 23.39
N ASP A 161 -7.48 23.93 24.33
CA ASP A 161 -7.52 24.22 25.77
C ASP A 161 -7.00 25.62 26.04
N ALA A 162 -7.79 26.45 26.72
CA ALA A 162 -7.41 27.82 27.02
C ALA A 162 -6.14 27.98 27.86
N ALA A 163 -5.77 26.94 28.60
CA ALA A 163 -4.57 26.97 29.42
C ALA A 163 -3.34 26.40 28.71
N SER A 164 -3.46 26.10 27.41
CA SER A 164 -2.33 25.53 26.68
C SER A 164 -1.13 26.44 26.53
N PRO A 165 0.09 25.90 26.72
CA PRO A 165 1.32 26.69 26.58
C PRO A 165 1.58 26.66 25.06
N LEU A 166 1.17 27.74 24.39
CA LEU A 166 1.28 27.81 22.95
C LEU A 166 2.68 27.61 22.39
N GLU A 167 3.71 27.99 23.15
CA GLU A 167 5.07 27.83 22.67
C GLU A 167 5.48 26.37 22.57
N LYS A 168 4.66 25.50 23.17
CA LYS A 168 4.91 24.05 23.10
C LYS A 168 3.94 23.36 22.14
N VAL A 169 2.65 23.62 22.34
CA VAL A 169 1.63 22.91 21.56
C VAL A 169 1.56 23.23 20.08
N CYS A 170 2.25 24.27 19.65
CA CYS A 170 2.28 24.56 18.22
C CYS A 170 2.77 23.32 17.44
N LEU A 171 3.64 22.50 18.04
CA LEU A 171 4.13 21.32 17.33
C LEU A 171 3.02 20.34 16.99
N ILE A 172 1.94 20.35 17.78
CA ILE A 172 0.81 19.48 17.53
C ILE A 172 0.12 19.88 16.23
N GLY A 173 0.31 21.13 15.82
CA GLY A 173 -0.27 21.63 14.59
C GLY A 173 0.26 20.94 13.35
N CYS A 174 1.44 20.34 13.44
CA CYS A 174 1.94 19.62 12.26
C CYS A 174 2.85 18.45 12.56
N GLY A 175 4.07 18.76 12.97
CA GLY A 175 5.09 17.74 13.19
C GLY A 175 4.79 16.59 14.10
N PHE A 176 4.37 16.87 15.33
CA PHE A 176 4.08 15.79 16.26
C PHE A 176 2.89 14.95 15.80
N SER A 177 1.78 15.60 15.45
CA SER A 177 0.62 14.87 15.01
C SER A 177 0.92 13.99 13.80
N THR A 178 1.65 14.53 12.84
CA THR A 178 1.98 13.78 11.64
C THR A 178 2.83 12.55 11.95
N GLY A 179 3.92 12.76 12.68
CA GLY A 179 4.81 11.64 12.99
C GLY A 179 4.16 10.58 13.85
N TYR A 180 3.56 11.03 14.95
CA TYR A 180 2.90 10.13 15.88
C TYR A 180 1.77 9.37 15.20
N GLY A 181 0.90 10.10 14.52
CA GLY A 181 -0.22 9.46 13.83
C GLY A 181 0.19 8.51 12.73
N SER A 182 1.31 8.79 12.08
CA SER A 182 1.77 7.91 11.01
C SER A 182 1.97 6.49 11.53
N ALA A 183 2.38 6.40 12.80
CA ALA A 183 2.59 5.10 13.41
C ALA A 183 1.27 4.52 13.94
N VAL A 184 0.54 5.35 14.70
CA VAL A 184 -0.70 4.91 15.34
C VAL A 184 -1.94 4.78 14.45
N ASN A 185 -2.12 5.74 13.53
CA ASN A 185 -3.30 5.73 12.66
C ASN A 185 -3.08 5.12 11.28
N VAL A 186 -1.96 5.48 10.65
CA VAL A 186 -1.70 5.04 9.29
C VAL A 186 -1.14 3.62 9.18
N ALA A 187 0.01 3.38 9.79
CA ALA A 187 0.61 2.05 9.77
C ALA A 187 -0.16 1.13 10.70
N LYS A 188 -0.67 1.68 11.79
CA LYS A 188 -1.38 0.93 12.83
C LYS A 188 -0.42 -0.12 13.40
N VAL A 189 0.73 0.37 13.86
CA VAL A 189 1.76 -0.45 14.46
C VAL A 189 1.15 -1.33 15.54
N THR A 190 1.53 -2.60 15.52
CA THR A 190 1.01 -3.60 16.47
C THR A 190 1.97 -3.91 17.62
N PRO A 191 1.41 -4.25 18.81
CA PRO A 191 2.33 -4.56 19.92
C PRO A 191 3.24 -5.75 19.61
N GLY A 192 4.53 -5.61 19.95
CA GLY A 192 5.48 -6.68 19.71
C GLY A 192 6.07 -6.73 18.30
N SER A 193 5.70 -5.76 17.47
CA SER A 193 6.22 -5.72 16.11
C SER A 193 7.55 -5.00 16.03
N THR A 194 8.21 -5.14 14.89
CA THR A 194 9.45 -4.42 14.63
C THR A 194 9.21 -3.27 13.65
N CYS A 195 9.83 -2.14 13.93
CA CYS A 195 9.68 -0.92 13.11
C CYS A 195 11.02 -0.31 12.72
N ALA A 196 11.05 0.38 11.60
CA ALA A 196 12.25 1.12 11.17
C ALA A 196 11.76 2.51 10.79
N VAL A 197 12.43 3.54 11.33
CA VAL A 197 12.07 4.92 11.03
C VAL A 197 13.23 5.64 10.37
N PHE A 198 13.02 6.06 9.13
CA PHE A 198 14.04 6.80 8.38
C PHE A 198 13.82 8.30 8.58
N GLY A 199 14.79 8.95 9.22
CA GLY A 199 14.70 10.39 9.44
C GLY A 199 14.35 10.70 10.87
N LEU A 200 15.20 11.48 11.52
CA LEU A 200 15.03 11.84 12.92
C LEU A 200 14.90 13.33 13.19
N GLY A 201 14.04 13.97 12.41
CA GLY A 201 13.75 15.39 12.61
C GLY A 201 12.55 15.39 13.56
N GLY A 202 11.85 16.52 13.67
CA GLY A 202 10.70 16.58 14.56
C GLY A 202 9.63 15.57 14.21
N VAL A 203 9.41 15.36 12.91
CA VAL A 203 8.39 14.42 12.46
C VAL A 203 8.80 12.98 12.69
N GLY A 204 10.03 12.64 12.32
CA GLY A 204 10.50 11.25 12.49
C GLY A 204 10.60 10.86 13.94
N LEU A 205 11.06 11.76 14.79
CA LEU A 205 11.15 11.43 16.20
C LEU A 205 9.76 11.27 16.78
N SER A 206 8.77 12.00 16.23
CA SER A 206 7.40 11.84 16.69
C SER A 206 6.90 10.47 16.24
N ALA A 207 7.37 10.00 15.09
CA ALA A 207 6.99 8.63 14.64
C ALA A 207 7.61 7.60 15.59
N VAL A 208 8.84 7.83 16.04
CA VAL A 208 9.47 6.92 17.00
C VAL A 208 8.59 6.88 18.24
N MET A 209 8.10 8.04 18.68
CA MET A 209 7.23 8.08 19.86
C MET A 209 5.96 7.29 19.61
N GLY A 210 5.41 7.41 18.40
CA GLY A 210 4.19 6.68 18.09
C GLY A 210 4.40 5.18 18.12
N CYS A 211 5.53 4.74 17.58
CA CYS A 211 5.85 3.31 17.55
C CYS A 211 5.95 2.76 18.96
N LYS A 212 6.54 3.56 19.84
CA LYS A 212 6.68 3.17 21.25
C LYS A 212 5.30 3.12 21.92
N ALA A 213 4.47 4.13 21.67
CA ALA A 213 3.12 4.18 22.26
C ALA A 213 2.28 2.99 21.77
N ALA A 214 2.52 2.54 20.53
CA ALA A 214 1.79 1.42 19.97
C ALA A 214 2.28 0.08 20.51
N GLY A 215 3.37 0.10 21.26
CA GLY A 215 3.92 -1.13 21.81
C GLY A 215 4.92 -1.93 20.97
N ALA A 216 5.56 -1.30 19.99
CA ALA A 216 6.55 -2.00 19.17
C ALA A 216 7.66 -2.61 20.03
N ALA A 217 8.12 -3.79 19.65
CA ALA A 217 9.19 -4.47 20.37
C ALA A 217 10.54 -3.90 20.00
N ARG A 218 10.66 -3.49 18.74
CA ARG A 218 11.91 -2.91 18.27
C ARG A 218 11.60 -1.70 17.39
N ILE A 219 12.40 -0.67 17.57
CA ILE A 219 12.26 0.56 16.80
C ILE A 219 13.67 0.97 16.37
N ILE A 220 14.00 0.70 15.11
CA ILE A 220 15.30 1.00 14.57
C ILE A 220 15.27 2.37 13.89
N ALA A 221 15.98 3.32 14.49
CA ALA A 221 16.06 4.68 13.96
C ALA A 221 17.21 4.75 12.98
N VAL A 222 16.94 5.32 11.81
CA VAL A 222 17.92 5.43 10.74
C VAL A 222 18.17 6.91 10.36
N ASP A 223 19.41 7.35 10.40
CA ASP A 223 19.72 8.74 10.02
C ASP A 223 21.21 8.84 9.73
N ILE A 224 21.58 9.73 8.81
CA ILE A 224 23.00 9.93 8.51
C ILE A 224 23.65 10.91 9.51
N ASN A 225 22.82 11.53 10.35
CA ASN A 225 23.31 12.45 11.38
C ASN A 225 23.23 11.77 12.75
N LYS A 226 24.34 11.19 13.17
CA LYS A 226 24.39 10.48 14.46
C LYS A 226 24.13 11.34 15.67
N ASP A 227 24.17 12.66 15.50
CA ASP A 227 23.91 13.53 16.65
C ASP A 227 22.44 13.49 17.08
N LYS A 228 21.60 12.84 16.28
CA LYS A 228 20.16 12.69 16.56
C LYS A 228 19.86 11.41 17.32
N PHE A 229 20.87 10.54 17.43
CA PHE A 229 20.70 9.25 18.07
C PHE A 229 20.35 9.25 19.55
N ALA A 230 20.89 10.20 20.32
CA ALA A 230 20.57 10.25 21.75
C ALA A 230 19.07 10.53 21.95
N LYS A 231 18.56 11.52 21.20
CA LYS A 231 17.14 11.86 21.31
C LYS A 231 16.27 10.69 20.83
N ALA A 232 16.70 9.99 19.79
CA ALA A 232 15.92 8.85 19.31
C ALA A 232 15.78 7.79 20.40
N LYS A 233 16.89 7.49 21.08
CA LYS A 233 16.88 6.51 22.18
C LYS A 233 15.99 7.00 23.32
N GLU A 234 16.10 8.29 23.66
CA GLU A 234 15.29 8.87 24.73
C GLU A 234 13.80 8.68 24.45
N LEU A 235 13.43 8.80 23.17
CA LEU A 235 12.03 8.68 22.78
C LEU A 235 11.54 7.27 22.42
N GLY A 236 12.41 6.26 22.56
CA GLY A 236 11.96 4.92 22.30
C GLY A 236 12.74 4.04 21.35
N ALA A 237 13.64 4.61 20.55
CA ALA A 237 14.41 3.76 19.63
C ALA A 237 15.21 2.71 20.40
N THR A 238 15.22 1.48 19.88
CA THR A 238 15.96 0.40 20.50
C THR A 238 17.35 0.24 19.89
N GLU A 239 17.48 0.71 18.65
CA GLU A 239 18.74 0.68 17.92
C GLU A 239 18.79 1.88 16.99
N CYS A 240 19.98 2.40 16.77
CA CYS A 240 20.16 3.54 15.88
C CYS A 240 21.27 3.22 14.92
N ILE A 241 20.99 3.33 13.64
CA ILE A 241 22.05 3.05 12.67
C ILE A 241 22.20 4.16 11.64
N ASN A 242 23.45 4.35 11.23
CA ASN A 242 23.80 5.37 10.26
C ASN A 242 24.20 4.67 8.96
N PRO A 243 23.42 4.85 7.88
CA PRO A 243 23.75 4.20 6.60
C PRO A 243 25.22 4.43 6.15
N GLN A 244 25.78 5.59 6.51
CA GLN A 244 27.16 5.91 6.12
C GLN A 244 28.21 5.00 6.74
N ASP A 245 27.83 4.23 7.76
CA ASP A 245 28.78 3.32 8.41
C ASP A 245 28.90 1.99 7.67
N TYR A 246 28.03 1.75 6.70
CA TYR A 246 27.96 0.49 6.00
C TYR A 246 28.46 0.44 4.55
N LYS A 247 28.92 -0.73 4.13
CA LYS A 247 29.37 -0.97 2.77
C LYS A 247 28.22 -1.50 1.92
N LYS A 248 27.20 -2.07 2.55
CA LYS A 248 26.10 -2.60 1.77
C LYS A 248 24.86 -1.72 1.94
N PRO A 249 23.90 -1.79 0.99
CA PRO A 249 22.67 -1.00 1.02
C PRO A 249 21.96 -1.16 2.38
N ILE A 250 21.46 -0.04 2.91
CA ILE A 250 20.81 -0.03 4.21
C ILE A 250 19.60 -0.98 4.32
N GLN A 251 18.88 -1.19 3.23
CA GLN A 251 17.74 -2.10 3.31
C GLN A 251 18.19 -3.54 3.56
N GLU A 252 19.38 -3.90 3.09
CA GLU A 252 19.90 -5.26 3.30
C GLU A 252 20.34 -5.38 4.75
N VAL A 253 21.00 -4.32 5.24
CA VAL A 253 21.41 -4.29 6.64
C VAL A 253 20.18 -4.47 7.54
N LEU A 254 19.14 -3.68 7.28
CA LEU A 254 17.91 -3.76 8.08
C LEU A 254 17.24 -5.14 8.05
N LYS A 255 17.16 -5.73 6.87
CA LYS A 255 16.54 -7.06 6.73
C LYS A 255 17.33 -8.09 7.52
N GLU A 256 18.66 -7.97 7.46
CA GLU A 256 19.52 -8.90 8.17
C GLU A 256 19.51 -8.76 9.69
N MET A 257 19.05 -7.61 10.18
CA MET A 257 18.95 -7.35 11.62
C MET A 257 17.57 -7.78 12.12
N THR A 258 16.65 -8.02 11.18
CA THR A 258 15.26 -8.29 11.52
C THR A 258 14.58 -9.51 10.92
N ASP A 259 15.30 -10.62 10.81
CA ASP A 259 14.71 -11.85 10.30
C ASP A 259 13.97 -11.66 8.97
N GLY A 260 14.59 -10.89 8.07
CA GLY A 260 14.02 -10.68 6.76
C GLY A 260 13.31 -9.35 6.49
N GLY A 261 13.24 -8.48 7.50
CA GLY A 261 12.60 -7.20 7.30
C GLY A 261 11.69 -6.82 8.45
N VAL A 262 11.48 -5.51 8.63
CA VAL A 262 10.61 -5.06 9.70
C VAL A 262 9.14 -5.22 9.34
N ASP A 263 8.29 -5.18 10.35
CA ASP A 263 6.85 -5.25 10.12
C ASP A 263 6.33 -3.91 9.59
N PHE A 264 6.96 -2.82 10.02
CA PHE A 264 6.56 -1.46 9.64
C PHE A 264 7.74 -0.55 9.42
N SER A 265 7.82 0.04 8.24
CA SER A 265 8.89 0.99 7.95
C SER A 265 8.26 2.35 7.62
N PHE A 266 8.99 3.39 7.98
CA PHE A 266 8.50 4.77 7.77
C PHE A 266 9.56 5.62 7.12
N GLU A 267 9.21 6.32 6.04
CA GLU A 267 10.18 7.26 5.45
C GLU A 267 9.71 8.63 5.91
N VAL A 268 10.56 9.34 6.66
CA VAL A 268 10.18 10.64 7.17
C VAL A 268 11.31 11.63 6.86
N ILE A 269 11.68 11.67 5.59
CA ILE A 269 12.76 12.54 5.12
C ILE A 269 12.31 13.33 3.88
N GLY A 270 11.88 12.61 2.86
CA GLY A 270 11.42 13.21 1.62
C GLY A 270 12.34 13.00 0.43
N ARG A 271 13.06 11.89 0.42
CA ARG A 271 13.99 11.57 -0.67
C ARG A 271 13.58 10.28 -1.35
N LEU A 272 13.80 10.21 -2.66
CA LEU A 272 13.46 9.01 -3.39
C LEU A 272 14.30 7.81 -2.94
N ASP A 273 15.59 8.01 -2.67
CA ASP A 273 16.42 6.89 -2.26
C ASP A 273 16.02 6.25 -0.95
N THR A 274 15.62 7.08 0.00
CA THR A 274 15.20 6.57 1.28
C THR A 274 13.77 6.01 1.20
N MET A 275 12.95 6.54 0.30
CA MET A 275 11.60 5.95 0.15
C MET A 275 11.74 4.55 -0.39
N MET A 276 12.68 4.36 -1.31
CA MET A 276 12.93 3.04 -1.87
C MET A 276 13.46 2.12 -0.79
N ALA A 277 14.49 2.57 -0.07
CA ALA A 277 15.09 1.77 1.01
C ALA A 277 14.05 1.38 2.04
N SER A 278 13.19 2.32 2.40
CA SER A 278 12.15 2.05 3.37
C SER A 278 11.20 0.96 2.88
N LEU A 279 10.82 1.04 1.60
CA LEU A 279 9.91 0.01 1.10
C LEU A 279 10.61 -1.34 1.08
N LEU A 280 11.86 -1.35 0.67
CA LEU A 280 12.64 -2.60 0.55
C LEU A 280 12.98 -3.24 1.88
N CYS A 281 13.07 -2.46 2.94
CA CYS A 281 13.42 -3.00 4.25
C CYS A 281 12.30 -3.65 5.03
N CYS A 282 11.05 -3.45 4.63
CA CYS A 282 9.97 -4.14 5.34
C CYS A 282 9.84 -5.53 4.73
N HIS A 283 9.49 -6.49 5.58
CA HIS A 283 9.40 -7.88 5.12
C HIS A 283 8.51 -8.02 3.88
N GLU A 284 8.95 -8.80 2.91
CA GLU A 284 8.21 -8.95 1.66
C GLU A 284 6.84 -9.61 1.77
N ALA A 285 6.63 -10.40 2.83
CA ALA A 285 5.35 -11.08 3.00
C ALA A 285 4.40 -10.42 3.98
N CYS A 286 4.91 -9.68 4.95
CA CYS A 286 4.02 -9.09 5.95
C CYS A 286 4.34 -7.67 6.32
N GLY A 287 5.22 -7.04 5.57
CA GLY A 287 5.59 -5.66 5.87
C GLY A 287 4.66 -4.61 5.32
N THR A 288 4.64 -3.49 6.01
CA THR A 288 3.86 -2.31 5.66
C THR A 288 4.85 -1.15 5.69
N SER A 289 4.84 -0.33 4.63
CA SER A 289 5.73 0.81 4.57
C SER A 289 4.90 2.06 4.34
N VAL A 290 5.16 3.06 5.19
CA VAL A 290 4.42 4.32 5.12
C VAL A 290 5.28 5.47 4.67
N ILE A 291 4.81 6.17 3.65
CA ILE A 291 5.54 7.36 3.18
C ILE A 291 5.01 8.56 3.95
N VAL A 292 5.91 9.30 4.58
CA VAL A 292 5.52 10.51 5.33
C VAL A 292 6.25 11.72 4.73
N GLY A 293 7.52 11.55 4.36
CA GLY A 293 8.27 12.66 3.78
C GLY A 293 7.67 13.18 2.47
N VAL A 294 7.80 14.49 2.22
CA VAL A 294 7.28 15.09 0.97
C VAL A 294 8.40 14.94 -0.07
N PRO A 295 8.11 14.25 -1.19
CA PRO A 295 9.13 14.04 -2.24
C PRO A 295 9.39 15.29 -3.09
N PRO A 296 10.54 15.33 -3.80
CA PRO A 296 10.88 16.47 -4.66
C PRO A 296 9.91 16.53 -5.83
N ALA A 297 9.49 17.75 -6.14
CA ALA A 297 8.51 18.01 -7.20
C ALA A 297 8.56 17.17 -8.47
N SER A 298 7.44 16.49 -8.75
CA SER A 298 7.27 15.67 -9.93
C SER A 298 8.31 14.57 -10.20
N GLN A 299 9.02 14.14 -9.16
CA GLN A 299 10.02 13.08 -9.36
C GLN A 299 9.40 11.75 -9.01
N ASN A 300 9.76 10.72 -9.79
CA ASN A 300 9.20 9.39 -9.62
C ASN A 300 10.17 8.32 -9.17
N LEU A 301 9.62 7.31 -8.51
CA LEU A 301 10.36 6.13 -8.06
C LEU A 301 10.17 5.09 -9.16
N SER A 302 11.10 4.15 -9.25
CA SER A 302 11.02 3.05 -10.23
C SER A 302 10.89 1.76 -9.40
N ILE A 303 9.73 1.11 -9.45
CA ILE A 303 9.56 -0.12 -8.67
C ILE A 303 9.05 -1.32 -9.44
N ASN A 304 9.59 -2.48 -9.09
CA ASN A 304 9.16 -3.71 -9.70
C ASN A 304 7.91 -4.12 -8.87
N PRO A 305 6.76 -4.33 -9.54
CA PRO A 305 5.50 -4.71 -8.86
C PRO A 305 5.60 -5.96 -7.98
N MET A 306 6.59 -6.80 -8.26
CA MET A 306 6.78 -8.00 -7.46
C MET A 306 7.04 -7.64 -6.00
N LEU A 307 7.56 -6.43 -5.76
CA LEU A 307 7.80 -5.98 -4.39
C LEU A 307 6.52 -5.93 -3.56
N LEU A 308 5.40 -5.70 -4.23
CA LEU A 308 4.08 -5.67 -3.58
C LEU A 308 3.34 -7.02 -3.69
N LEU A 309 3.48 -7.68 -4.84
CA LEU A 309 2.76 -8.96 -5.06
C LEU A 309 3.00 -10.02 -3.96
N THR A 310 4.18 -10.03 -3.37
CA THR A 310 4.48 -10.99 -2.32
C THR A 310 3.71 -10.79 -1.03
N GLY A 311 3.12 -9.61 -0.87
CA GLY A 311 2.37 -9.34 0.35
C GLY A 311 2.60 -8.01 1.03
N ARG A 312 3.42 -7.13 0.44
CA ARG A 312 3.63 -5.84 1.10
C ARG A 312 2.47 -4.87 0.91
N THR A 313 2.41 -3.94 1.82
CA THR A 313 1.41 -2.86 1.81
C THR A 313 2.22 -1.58 1.81
N TRP A 314 1.99 -0.74 0.80
CA TRP A 314 2.71 0.54 0.69
C TRP A 314 1.66 1.65 0.73
N LYS A 315 1.77 2.55 1.70
CA LYS A 315 0.80 3.62 1.85
C LYS A 315 1.41 4.93 2.26
N GLY A 316 0.62 5.98 2.12
CA GLY A 316 1.07 7.30 2.51
C GLY A 316 -0.10 8.05 3.13
N ALA A 317 0.21 9.20 3.73
CA ALA A 317 -0.84 10.02 4.34
C ALA A 317 -0.26 11.37 4.73
N VAL A 318 -1.16 12.31 4.92
CA VAL A 318 -0.80 13.63 5.44
C VAL A 318 -1.35 13.68 6.85
N TYR A 319 -0.70 14.47 7.70
CA TYR A 319 -1.15 14.71 9.06
C TYR A 319 -1.26 13.48 9.94
N GLY A 320 -0.51 12.43 9.60
CA GLY A 320 -0.58 11.24 10.44
C GLY A 320 -1.96 10.59 10.43
N GLY A 321 -2.73 10.88 9.39
CA GLY A 321 -4.07 10.30 9.24
C GLY A 321 -5.12 10.93 10.12
N PHE A 322 -4.75 11.91 10.93
CA PHE A 322 -5.72 12.55 11.82
C PHE A 322 -6.68 13.47 11.08
N LYS A 323 -7.97 13.36 11.38
CA LYS A 323 -8.95 14.31 10.84
C LYS A 323 -8.56 15.54 11.65
N SER A 324 -8.07 16.56 10.95
CA SER A 324 -7.50 17.72 11.58
C SER A 324 -8.19 18.50 12.69
N LYS A 325 -9.41 18.95 12.44
CA LYS A 325 -10.11 19.78 13.42
C LYS A 325 -10.54 19.02 14.66
N GLU A 326 -10.99 17.79 14.49
CA GLU A 326 -11.37 16.98 15.64
C GLU A 326 -10.14 16.42 16.36
N GLY A 327 -9.12 16.06 15.59
CA GLY A 327 -7.93 15.45 16.18
C GLY A 327 -6.96 16.30 16.96
N ILE A 328 -6.66 17.50 16.47
CA ILE A 328 -5.68 18.35 17.12
C ILE A 328 -6.06 18.71 18.58
N PRO A 329 -7.32 19.10 18.83
CA PRO A 329 -7.72 19.45 20.21
C PRO A 329 -7.57 18.26 21.17
N LYS A 330 -7.90 17.05 20.71
CA LYS A 330 -7.76 15.85 21.57
C LYS A 330 -6.28 15.63 21.88
N LEU A 331 -5.40 15.83 20.88
CA LEU A 331 -3.96 15.67 21.13
C LEU A 331 -3.50 16.71 22.15
N VAL A 332 -4.01 17.95 22.06
CA VAL A 332 -3.66 18.98 23.02
C VAL A 332 -4.17 18.54 24.42
N ALA A 333 -5.37 17.97 24.49
CA ALA A 333 -5.91 17.50 25.77
C ALA A 333 -4.99 16.44 26.37
N ASP A 334 -4.51 15.52 25.52
CA ASP A 334 -3.60 14.47 25.97
C ASP A 334 -2.31 15.09 26.53
N PHE A 335 -1.80 16.08 25.82
CA PHE A 335 -0.59 16.80 26.22
C PHE A 335 -0.77 17.44 27.60
N MET A 336 -1.91 18.11 27.80
CA MET A 336 -2.19 18.78 29.07
C MET A 336 -2.26 17.82 30.25
N ALA A 337 -2.72 16.61 29.96
CA ALA A 337 -2.83 15.55 30.99
C ALA A 337 -1.48 14.84 31.20
N LYS A 338 -0.49 15.23 30.41
CA LYS A 338 0.87 14.70 30.44
C LYS A 338 1.02 13.31 29.83
N LYS A 339 0.14 12.96 28.91
CA LYS A 339 0.24 11.66 28.24
C LYS A 339 1.54 11.56 27.43
N PHE A 340 2.02 12.72 26.97
CA PHE A 340 3.28 12.78 26.22
C PHE A 340 3.85 14.16 26.42
N SER A 341 5.14 14.26 26.21
CA SER A 341 5.85 15.52 26.35
C SER A 341 6.42 15.92 24.97
N LEU A 342 6.66 17.22 24.81
CA LEU A 342 7.19 17.75 23.56
C LEU A 342 8.55 18.42 23.78
N ASP A 343 8.99 18.50 25.04
CA ASP A 343 10.25 19.17 25.35
C ASP A 343 11.47 18.67 24.58
N ALA A 344 11.59 17.35 24.43
CA ALA A 344 12.73 16.78 23.73
C ALA A 344 12.81 17.21 22.26
N LEU A 345 11.66 17.52 21.68
CA LEU A 345 11.60 17.94 20.27
C LEU A 345 11.95 19.41 20.05
N ILE A 346 11.78 20.24 21.08
CA ILE A 346 12.04 21.68 20.97
C ILE A 346 13.45 21.96 21.49
N THR A 347 14.38 22.06 20.54
CA THR A 347 15.79 22.26 20.83
C THR A 347 16.26 23.69 20.86
N HIS A 348 15.52 24.56 20.18
CA HIS A 348 15.90 25.96 20.08
C HIS A 348 14.68 26.87 20.07
N VAL A 349 14.83 28.05 20.68
CA VAL A 349 13.76 29.06 20.71
C VAL A 349 14.37 30.37 20.25
N LEU A 350 13.66 31.09 19.39
CA LEU A 350 14.18 32.34 18.86
C LEU A 350 13.03 33.28 18.59
N PRO A 351 13.32 34.59 18.59
CA PRO A 351 12.26 35.54 18.30
C PRO A 351 11.97 35.39 16.80
N PHE A 352 10.74 35.68 16.40
CA PHE A 352 10.32 35.61 15.00
C PHE A 352 11.27 36.39 14.06
N GLU A 353 11.79 37.52 14.55
CA GLU A 353 12.69 38.33 13.74
C GLU A 353 13.97 37.60 13.30
N LYS A 354 14.31 36.53 14.00
CA LYS A 354 15.49 35.72 13.67
C LYS A 354 15.12 34.45 12.90
N ILE A 355 14.01 34.50 12.15
CA ILE A 355 13.56 33.36 11.36
C ILE A 355 14.65 32.75 10.46
N ASN A 356 15.44 33.59 9.80
CA ASN A 356 16.52 33.07 8.97
C ASN A 356 17.52 32.21 9.74
N GLU A 357 17.88 32.63 10.96
CA GLU A 357 18.77 31.85 11.80
C GLU A 357 18.12 30.52 12.16
N GLY A 358 16.78 30.51 12.28
CA GLY A 358 16.06 29.28 12.57
C GLY A 358 16.21 28.30 11.42
N PHE A 359 16.19 28.80 10.19
CA PHE A 359 16.37 27.92 9.05
C PHE A 359 17.82 27.47 8.94
N ASP A 360 18.74 28.34 9.37
CA ASP A 360 20.16 27.96 9.36
C ASP A 360 20.34 26.76 10.30
N LEU A 361 19.67 26.81 11.45
CA LEU A 361 19.77 25.70 12.42
C LEU A 361 19.27 24.40 11.80
N LEU A 362 18.14 24.49 11.09
CA LEU A 362 17.55 23.34 10.44
C LEU A 362 18.54 22.72 9.43
N HIS A 363 19.15 23.57 8.61
CA HIS A 363 20.11 23.13 7.61
C HIS A 363 21.37 22.51 8.20
N SER A 364 21.81 23.05 9.33
CA SER A 364 23.02 22.56 10.00
C SER A 364 22.88 21.21 10.68
N GLY A 365 21.64 20.77 10.91
CA GLY A 365 21.42 19.50 11.58
C GLY A 365 21.48 19.59 13.10
N LYS A 366 21.63 20.80 13.66
CA LYS A 366 21.71 20.99 15.11
C LYS A 366 20.36 21.07 15.81
N SER A 367 19.34 21.47 15.07
CA SER A 367 18.01 21.58 15.66
C SER A 367 17.09 20.47 15.23
N ILE A 368 16.09 20.21 16.08
CA ILE A 368 15.03 19.25 15.78
C ILE A 368 13.98 20.32 15.44
N ARG A 369 13.24 20.82 16.43
CA ARG A 369 12.30 21.90 16.16
C ARG A 369 12.77 23.21 16.79
N THR A 370 12.83 24.27 16.00
CA THR A 370 13.13 25.60 16.53
C THR A 370 11.74 26.25 16.56
N VAL A 371 11.37 26.83 17.71
CA VAL A 371 10.06 27.46 17.83
C VAL A 371 10.32 28.97 17.86
N LEU A 372 9.60 29.72 17.03
CA LEU A 372 9.73 31.16 16.95
C LEU A 372 8.61 31.82 17.76
N THR A 373 8.99 32.84 18.54
CA THR A 373 8.02 33.60 19.34
C THR A 373 7.82 34.99 18.79
N PHE A 374 6.57 35.40 18.74
CA PHE A 374 6.22 36.71 18.20
C PHE A 374 6.22 37.80 19.25
N SER B 1 0.92 -52.49 -9.18
CA SER B 1 1.16 -51.65 -7.98
C SER B 1 2.25 -50.62 -8.29
N THR B 2 2.10 -49.40 -7.78
CA THR B 2 3.09 -48.37 -8.06
C THR B 2 3.77 -47.87 -6.81
N ALA B 3 3.16 -48.13 -5.65
CA ALA B 3 3.71 -47.66 -4.38
C ALA B 3 5.17 -48.07 -4.19
N GLY B 4 6.02 -47.08 -3.95
CA GLY B 4 7.44 -47.32 -3.73
C GLY B 4 8.27 -47.49 -4.98
N LYS B 5 7.63 -47.43 -6.14
CA LYS B 5 8.32 -47.57 -7.40
C LYS B 5 8.25 -46.34 -8.29
N VAL B 6 9.16 -46.27 -9.24
CA VAL B 6 9.16 -45.19 -10.22
C VAL B 6 7.97 -45.44 -11.14
N ILE B 7 7.20 -44.38 -11.41
CA ILE B 7 6.05 -44.47 -12.29
C ILE B 7 6.39 -43.91 -13.68
N LYS B 8 5.96 -44.61 -14.72
CA LYS B 8 6.13 -44.16 -16.09
C LYS B 8 4.74 -43.64 -16.49
N CYS B 9 4.64 -42.37 -16.90
CA CYS B 9 3.34 -41.84 -17.28
C CYS B 9 3.52 -40.71 -18.32
N LYS B 10 2.42 -40.11 -18.72
CA LYS B 10 2.45 -39.01 -19.69
C LYS B 10 2.44 -37.69 -18.93
N ALA B 11 3.14 -36.73 -19.49
CA ALA B 11 3.16 -35.37 -18.93
C ALA B 11 3.38 -34.45 -20.09
N ALA B 12 3.03 -33.19 -19.87
CA ALA B 12 3.22 -32.15 -20.87
C ALA B 12 4.49 -31.44 -20.45
N VAL B 13 5.54 -31.60 -21.27
CA VAL B 13 6.83 -31.01 -20.95
C VAL B 13 7.09 -29.79 -21.82
N LEU B 14 7.60 -28.73 -21.19
CA LEU B 14 7.96 -27.52 -21.95
C LEU B 14 9.49 -27.53 -22.01
N TRP B 15 10.01 -27.77 -23.21
CA TRP B 15 11.46 -27.85 -23.40
C TRP B 15 12.08 -26.49 -23.64
N GLU B 16 11.31 -25.60 -24.27
CA GLU B 16 11.80 -24.27 -24.62
C GLU B 16 10.68 -23.25 -24.56
N VAL B 17 11.00 -21.98 -24.34
CA VAL B 17 9.98 -20.95 -24.29
C VAL B 17 9.41 -20.74 -25.70
N LYS B 18 8.16 -20.26 -25.77
CA LYS B 18 7.48 -19.96 -27.03
C LYS B 18 7.29 -21.17 -27.96
N LYS B 19 7.22 -22.35 -27.36
CA LYS B 19 7.03 -23.57 -28.12
C LYS B 19 5.85 -24.31 -27.50
N PRO B 20 5.18 -25.15 -28.30
CA PRO B 20 4.03 -25.93 -27.81
C PRO B 20 4.50 -26.94 -26.76
N PHE B 21 3.59 -27.40 -25.94
CA PHE B 21 3.93 -28.43 -24.96
C PHE B 21 4.11 -29.73 -25.71
N SER B 22 5.01 -30.57 -25.20
CA SER B 22 5.26 -31.89 -25.77
C SER B 22 4.71 -32.95 -24.84
N ILE B 23 3.68 -33.67 -25.29
CA ILE B 23 3.12 -34.75 -24.46
C ILE B 23 4.13 -35.90 -24.61
N GLU B 24 4.80 -36.24 -23.51
CA GLU B 24 5.85 -37.25 -23.52
C GLU B 24 5.73 -38.26 -22.44
N ASP B 25 6.52 -39.33 -22.57
CA ASP B 25 6.57 -40.31 -21.51
C ASP B 25 7.62 -39.75 -20.56
N VAL B 26 7.26 -39.70 -19.29
CA VAL B 26 8.16 -39.23 -18.25
C VAL B 26 8.19 -40.25 -17.14
N GLU B 27 9.16 -40.11 -16.24
CA GLU B 27 9.25 -40.99 -15.07
C GLU B 27 9.15 -40.11 -13.83
N VAL B 28 8.37 -40.60 -12.86
CA VAL B 28 8.14 -39.89 -11.61
C VAL B 28 8.63 -40.77 -10.48
N ALA B 29 9.63 -40.28 -9.74
CA ALA B 29 10.22 -41.01 -8.62
C ALA B 29 9.19 -41.10 -7.51
N PRO B 30 9.32 -42.09 -6.62
CA PRO B 30 8.37 -42.20 -5.52
C PRO B 30 8.60 -41.03 -4.56
N PRO B 31 7.59 -40.73 -3.73
CA PRO B 31 7.75 -39.61 -2.80
C PRO B 31 8.73 -39.90 -1.66
N LYS B 32 9.53 -38.90 -1.31
CA LYS B 32 10.44 -39.04 -0.18
C LYS B 32 9.64 -38.74 1.10
N ALA B 33 10.35 -38.67 2.21
CA ALA B 33 9.72 -38.38 3.48
C ALA B 33 9.05 -37.00 3.35
N TYR B 34 7.83 -36.93 3.82
CA TYR B 34 7.03 -35.71 3.79
C TYR B 34 6.62 -35.24 2.39
N GLU B 35 6.52 -36.19 1.46
CA GLU B 35 6.10 -35.88 0.09
C GLU B 35 4.86 -36.72 -0.25
N VAL B 36 4.10 -36.27 -1.24
CA VAL B 36 2.86 -36.94 -1.63
C VAL B 36 2.82 -37.12 -3.14
N ARG B 37 2.58 -38.35 -3.59
CA ARG B 37 2.46 -38.59 -5.03
C ARG B 37 0.98 -38.65 -5.34
N ILE B 38 0.56 -37.84 -6.31
CA ILE B 38 -0.86 -37.67 -6.64
C ILE B 38 -1.20 -38.05 -8.08
N LYS B 39 -2.28 -38.81 -8.22
CA LYS B 39 -2.78 -39.16 -9.56
C LYS B 39 -3.70 -37.99 -9.90
N MET B 40 -3.34 -37.25 -10.97
CA MET B 40 -4.11 -36.10 -11.37
C MET B 40 -5.46 -36.47 -11.97
N VAL B 41 -6.47 -35.68 -11.64
CA VAL B 41 -7.81 -35.89 -12.17
C VAL B 41 -8.23 -34.71 -13.05
N ALA B 42 -7.94 -33.47 -12.64
CA ALA B 42 -8.35 -32.32 -13.45
C ALA B 42 -7.41 -31.16 -13.18
N VAL B 43 -7.12 -30.38 -14.20
CA VAL B 43 -6.26 -29.20 -14.03
C VAL B 43 -6.82 -28.05 -14.84
N GLY B 44 -6.79 -26.87 -14.27
CA GLY B 44 -7.28 -25.69 -14.98
C GLY B 44 -6.12 -24.98 -15.64
N ILE B 45 -6.37 -24.30 -16.76
CA ILE B 45 -5.30 -23.57 -17.44
C ILE B 45 -5.35 -22.12 -16.95
N CYS B 46 -4.31 -21.75 -16.20
CA CYS B 46 -4.21 -20.41 -15.61
C CYS B 46 -3.21 -19.59 -16.42
N ARG B 47 -3.43 -18.28 -16.50
CA ARG B 47 -2.51 -17.44 -17.26
C ARG B 47 -1.07 -17.55 -16.74
N THR B 48 -0.92 -17.87 -15.46
CA THR B 48 0.41 -17.99 -14.88
C THR B 48 1.23 -19.06 -15.59
N ASP B 49 0.57 -20.15 -15.98
CA ASP B 49 1.29 -21.21 -16.69
C ASP B 49 1.75 -20.66 -18.03
N ASP B 50 0.85 -19.93 -18.69
CA ASP B 50 1.13 -19.32 -19.98
C ASP B 50 2.29 -18.32 -19.92
N HIS B 51 2.42 -17.60 -18.79
CA HIS B 51 3.54 -16.65 -18.65
C HIS B 51 4.91 -17.33 -18.81
N VAL B 52 5.01 -18.59 -18.40
CA VAL B 52 6.31 -19.23 -18.59
C VAL B 52 6.57 -19.47 -20.07
N VAL B 53 5.54 -19.93 -20.78
CA VAL B 53 5.65 -20.17 -22.21
C VAL B 53 6.04 -18.88 -22.96
N SER B 54 5.42 -17.76 -22.57
CA SER B 54 5.69 -16.50 -23.26
C SER B 54 6.97 -15.79 -22.82
N GLY B 55 7.58 -16.29 -21.77
CA GLY B 55 8.79 -15.68 -21.26
C GLY B 55 8.54 -14.57 -20.25
N ASN B 56 7.27 -14.26 -19.97
CA ASN B 56 6.95 -13.22 -19.00
C ASN B 56 7.27 -13.61 -17.54
N LEU B 57 7.31 -14.91 -17.27
CA LEU B 57 7.66 -15.41 -15.94
C LEU B 57 8.83 -16.39 -16.15
N VAL B 58 9.91 -16.18 -15.42
CA VAL B 58 11.08 -17.03 -15.52
C VAL B 58 11.12 -18.12 -14.46
N THR B 59 11.39 -19.35 -14.92
CA THR B 59 11.54 -20.53 -14.09
C THR B 59 12.45 -21.48 -14.91
N PRO B 60 13.26 -22.32 -14.23
CA PRO B 60 14.15 -23.22 -14.97
C PRO B 60 13.47 -24.20 -15.91
N LEU B 61 14.05 -24.34 -17.11
CA LEU B 61 13.53 -25.28 -18.14
C LEU B 61 14.60 -26.35 -18.29
N PRO B 62 14.20 -27.54 -18.80
CA PRO B 62 12.85 -27.96 -19.15
C PRO B 62 11.97 -28.11 -17.91
N VAL B 63 10.66 -28.04 -18.08
CA VAL B 63 9.78 -28.04 -16.89
C VAL B 63 8.39 -28.58 -17.18
N ILE B 64 7.77 -29.10 -16.14
CA ILE B 64 6.39 -29.56 -16.20
C ILE B 64 5.61 -28.46 -15.44
N LEU B 65 4.84 -27.68 -16.19
CA LEU B 65 4.02 -26.60 -15.62
C LEU B 65 2.74 -27.17 -15.02
N GLY B 66 1.77 -26.27 -14.72
CA GLY B 66 0.52 -26.70 -14.13
C GLY B 66 0.52 -26.55 -12.61
N HIS B 67 -0.53 -25.92 -12.09
CA HIS B 67 -0.62 -25.73 -10.63
C HIS B 67 -2.05 -25.64 -10.09
N GLU B 68 -3.03 -25.38 -10.95
CA GLU B 68 -4.45 -25.28 -10.56
C GLU B 68 -4.98 -26.68 -10.82
N ALA B 69 -5.22 -27.44 -9.75
CA ALA B 69 -5.58 -28.82 -9.97
C ALA B 69 -6.23 -29.54 -8.82
N ALA B 70 -6.60 -30.79 -9.10
CA ALA B 70 -7.18 -31.65 -8.07
C ALA B 70 -6.91 -33.09 -8.49
N GLY B 71 -6.64 -33.95 -7.50
CA GLY B 71 -6.38 -35.35 -7.81
C GLY B 71 -6.60 -36.25 -6.61
N ILE B 72 -6.11 -37.49 -6.72
CA ILE B 72 -6.25 -38.48 -5.67
C ILE B 72 -4.87 -38.99 -5.28
N VAL B 73 -4.63 -39.09 -3.97
CA VAL B 73 -3.34 -39.54 -3.50
C VAL B 73 -3.09 -41.00 -3.89
N GLU B 74 -1.95 -41.23 -4.54
CA GLU B 74 -1.53 -42.58 -4.95
C GLU B 74 -0.66 -43.19 -3.85
N SER B 75 0.24 -42.38 -3.27
CA SER B 75 1.09 -42.86 -2.20
C SER B 75 1.71 -41.69 -1.45
N VAL B 76 2.19 -41.98 -0.24
CA VAL B 76 2.80 -40.96 0.60
C VAL B 76 4.13 -41.44 1.14
N GLY B 77 5.01 -40.47 1.39
CA GLY B 77 6.30 -40.77 1.93
C GLY B 77 6.25 -40.98 3.42
N GLU B 78 7.36 -41.42 3.99
CA GLU B 78 7.42 -41.63 5.43
C GLU B 78 7.16 -40.29 6.11
N GLY B 79 6.48 -40.37 7.23
CA GLY B 79 6.19 -39.20 8.01
C GLY B 79 4.92 -38.44 7.67
N VAL B 80 4.35 -38.69 6.48
CA VAL B 80 3.12 -38.00 6.06
C VAL B 80 1.91 -38.44 6.85
N THR B 81 1.21 -37.47 7.42
CA THR B 81 0.05 -37.71 8.27
C THR B 81 -1.22 -36.98 7.88
N THR B 82 -1.09 -35.90 7.10
CA THR B 82 -2.27 -35.11 6.75
C THR B 82 -3.12 -35.63 5.60
N VAL B 83 -2.56 -36.53 4.81
CA VAL B 83 -3.29 -37.16 3.70
C VAL B 83 -2.85 -38.63 3.63
N LYS B 84 -3.68 -39.45 2.99
CA LYS B 84 -3.35 -40.87 2.84
C LYS B 84 -3.84 -41.31 1.46
N PRO B 85 -3.36 -42.46 0.96
CA PRO B 85 -3.80 -42.94 -0.35
C PRO B 85 -5.33 -42.95 -0.49
N GLY B 86 -5.83 -42.48 -1.63
CA GLY B 86 -7.27 -42.45 -1.82
C GLY B 86 -7.94 -41.13 -1.50
N ASP B 87 -7.28 -40.27 -0.74
CA ASP B 87 -7.84 -38.96 -0.41
C ASP B 87 -7.88 -38.05 -1.62
N LYS B 88 -8.92 -37.24 -1.72
CA LYS B 88 -8.99 -36.23 -2.78
C LYS B 88 -8.20 -35.05 -2.23
N VAL B 89 -7.36 -34.45 -3.07
CA VAL B 89 -6.49 -33.35 -2.65
C VAL B 89 -6.34 -32.30 -3.71
N ILE B 90 -5.94 -31.11 -3.26
CA ILE B 90 -5.67 -29.98 -4.14
C ILE B 90 -4.25 -29.51 -3.83
N PRO B 91 -3.36 -29.53 -4.83
CA PRO B 91 -1.97 -29.07 -4.61
C PRO B 91 -2.02 -27.55 -4.50
N LEU B 92 -1.03 -26.98 -3.83
CA LEU B 92 -1.00 -25.56 -3.53
C LEU B 92 0.25 -24.87 -4.07
N PHE B 93 0.08 -23.86 -4.92
CA PHE B 93 1.27 -23.18 -5.49
C PHE B 93 2.14 -22.44 -4.48
N THR B 94 1.54 -22.08 -3.34
CA THR B 94 2.27 -21.46 -2.23
C THR B 94 1.99 -22.45 -1.10
N PRO B 95 3.05 -22.99 -0.47
CA PRO B 95 2.83 -23.94 0.63
C PRO B 95 2.44 -23.25 1.94
N GLN B 96 2.16 -24.05 2.95
CA GLN B 96 1.85 -23.54 4.28
C GLN B 96 2.60 -24.46 5.24
N CYS B 97 3.89 -24.19 5.41
CA CYS B 97 4.72 -25.01 6.29
C CYS B 97 4.26 -24.98 7.75
N GLY B 98 3.61 -23.88 8.13
CA GLY B 98 3.09 -23.68 9.48
C GLY B 98 4.10 -23.35 10.57
N LYS B 99 5.36 -23.24 10.16
CA LYS B 99 6.43 -23.01 11.12
C LYS B 99 7.28 -21.76 10.92
N CYS B 100 7.23 -21.18 9.73
CA CYS B 100 8.05 -19.99 9.45
C CYS B 100 7.41 -18.72 9.98
N ARG B 101 8.17 -17.63 9.91
CA ARG B 101 7.65 -16.35 10.40
C ARG B 101 6.33 -15.96 9.71
N VAL B 102 6.28 -16.16 8.40
CA VAL B 102 5.12 -15.82 7.61
C VAL B 102 3.92 -16.69 7.96
N CYS B 103 4.14 -17.98 8.14
CA CYS B 103 3.03 -18.85 8.47
C CYS B 103 2.47 -18.54 9.86
N LYS B 104 3.33 -18.12 10.76
CA LYS B 104 2.88 -17.81 12.12
C LYS B 104 2.15 -16.46 12.19
N ASN B 105 2.43 -15.59 11.22
CA ASN B 105 1.79 -14.29 11.17
C ASN B 105 0.38 -14.43 10.58
N PRO B 106 -0.66 -14.15 11.38
CA PRO B 106 -2.04 -14.28 10.91
C PRO B 106 -2.41 -13.48 9.66
N GLU B 107 -1.67 -12.40 9.41
CA GLU B 107 -1.93 -11.51 8.28
C GLU B 107 -1.29 -11.91 6.96
N SER B 108 -0.36 -12.87 6.98
CA SER B 108 0.34 -13.19 5.73
C SER B 108 0.22 -14.64 5.28
N ASN B 109 0.65 -14.88 4.04
CA ASN B 109 0.56 -16.23 3.51
C ASN B 109 1.69 -16.67 2.58
N TYR B 110 2.63 -15.78 2.29
CA TYR B 110 3.74 -16.09 1.38
C TYR B 110 4.83 -16.89 2.13
N CYS B 111 4.47 -18.14 2.43
CA CYS B 111 5.34 -19.06 3.17
C CYS B 111 6.77 -19.07 2.63
N LEU B 112 7.75 -19.04 3.54
CA LEU B 112 9.15 -19.04 3.15
C LEU B 112 9.62 -20.28 2.37
N LYS B 113 8.80 -21.33 2.30
CA LYS B 113 9.16 -22.54 1.56
C LYS B 113 8.70 -22.45 0.10
N ASN B 114 8.19 -21.30 -0.30
CA ASN B 114 7.71 -21.10 -1.67
C ASN B 114 8.86 -21.13 -2.68
N ASP B 115 8.49 -21.41 -3.93
CA ASP B 115 9.44 -21.42 -5.04
C ASP B 115 9.02 -20.34 -6.07
N LEU B 116 8.52 -19.22 -5.57
CA LEU B 116 8.04 -18.13 -6.42
C LEU B 116 9.03 -17.02 -6.72
N GLY B 117 9.70 -16.54 -5.67
CA GLY B 117 10.65 -15.43 -5.80
C GLY B 117 11.75 -15.62 -6.84
N ASN B 118 12.69 -16.51 -6.54
CA ASN B 118 13.80 -16.81 -7.46
C ASN B 118 13.61 -18.33 -7.56
N PRO B 119 12.75 -18.76 -8.50
CA PRO B 119 12.46 -20.18 -8.68
C PRO B 119 13.66 -21.09 -8.95
N ARG B 120 13.66 -22.24 -8.27
CA ARG B 120 14.68 -23.28 -8.43
C ARG B 120 14.10 -24.41 -9.29
N GLY B 121 12.77 -24.51 -9.33
CA GLY B 121 12.13 -25.57 -10.10
C GLY B 121 12.35 -26.96 -9.50
N THR B 122 12.31 -27.04 -8.18
CA THR B 122 12.50 -28.28 -7.44
C THR B 122 11.46 -28.39 -6.33
N LEU B 123 11.50 -29.52 -5.62
CA LEU B 123 10.64 -29.65 -4.43
C LEU B 123 11.45 -28.96 -3.30
N GLN B 124 10.89 -28.92 -2.09
CA GLN B 124 11.56 -28.21 -1.00
C GLN B 124 12.93 -28.70 -0.59
N ASP B 125 13.25 -29.95 -0.92
CA ASP B 125 14.58 -30.44 -0.55
C ASP B 125 15.63 -30.07 -1.60
N GLY B 126 15.21 -29.26 -2.57
CA GLY B 126 16.12 -28.82 -3.61
C GLY B 126 16.35 -29.79 -4.75
N THR B 127 15.57 -30.87 -4.80
CA THR B 127 15.76 -31.85 -5.86
C THR B 127 14.46 -32.08 -6.62
N ARG B 128 14.60 -32.69 -7.78
CA ARG B 128 13.47 -32.97 -8.69
C ARG B 128 13.15 -34.45 -8.76
N ARG B 129 11.87 -34.77 -8.95
CA ARG B 129 11.43 -36.17 -9.04
C ARG B 129 11.16 -36.65 -10.46
N PHE B 130 11.23 -35.72 -11.41
CA PHE B 130 10.93 -36.04 -12.80
C PHE B 130 12.14 -36.27 -13.69
N THR B 131 12.01 -37.24 -14.60
CA THR B 131 13.03 -37.53 -15.60
C THR B 131 12.27 -37.74 -16.91
N CYS B 132 12.92 -37.47 -18.03
CA CYS B 132 12.31 -37.64 -19.35
C CYS B 132 13.47 -37.78 -20.35
N ARG B 133 13.44 -38.83 -21.16
CA ARG B 133 14.49 -39.06 -22.15
C ARG B 133 15.89 -39.05 -21.54
N GLY B 134 15.99 -39.58 -20.33
CA GLY B 134 17.28 -39.68 -19.66
C GLY B 134 17.82 -38.44 -18.98
N LYS B 135 17.00 -37.41 -18.91
CA LYS B 135 17.41 -36.16 -18.31
C LYS B 135 16.43 -35.72 -17.22
N PRO B 136 16.91 -34.91 -16.26
CA PRO B 136 16.00 -34.45 -15.21
C PRO B 136 15.11 -33.34 -15.76
N ILE B 137 13.89 -33.24 -15.20
CA ILE B 137 12.93 -32.22 -15.61
C ILE B 137 12.54 -31.44 -14.36
N HIS B 138 12.43 -30.11 -14.49
CA HIS B 138 12.09 -29.27 -13.36
C HIS B 138 10.61 -29.24 -12.98
N HIS B 139 10.38 -28.94 -11.71
CA HIS B 139 9.05 -28.76 -11.17
C HIS B 139 8.70 -27.29 -11.38
N PHE B 140 7.43 -26.94 -11.15
CA PHE B 140 6.95 -25.57 -11.29
C PHE B 140 6.04 -25.25 -10.10
N LEU B 141 6.41 -24.21 -9.36
CA LEU B 141 5.69 -23.72 -8.18
C LEU B 141 5.46 -24.86 -7.19
N GLY B 142 6.38 -25.81 -7.22
CA GLY B 142 6.30 -26.97 -6.33
C GLY B 142 5.19 -27.95 -6.63
N THR B 143 4.42 -27.73 -7.70
CA THR B 143 3.26 -28.58 -7.99
C THR B 143 3.27 -29.41 -9.28
N SER B 144 3.74 -28.82 -10.37
CA SER B 144 3.82 -29.52 -11.68
C SER B 144 2.62 -30.45 -11.95
N THR B 145 1.45 -29.86 -12.15
CA THR B 145 0.24 -30.66 -12.36
C THR B 145 -0.12 -31.05 -13.79
N PHE B 146 0.68 -30.63 -14.77
CA PHE B 146 0.41 -31.04 -16.15
C PHE B 146 1.06 -32.40 -16.38
N SER B 147 0.70 -33.35 -15.54
CA SER B 147 1.25 -34.70 -15.62
C SER B 147 0.24 -35.67 -15.02
N GLN B 148 0.20 -36.90 -15.53
CA GLN B 148 -0.73 -37.88 -14.96
C GLN B 148 -0.43 -38.13 -13.49
N TYR B 149 0.84 -37.99 -13.10
CA TYR B 149 1.26 -38.15 -11.72
C TYR B 149 2.28 -37.09 -11.35
N THR B 150 2.12 -36.52 -10.16
CA THR B 150 3.11 -35.54 -9.70
C THR B 150 3.42 -35.83 -8.22
N VAL B 151 4.57 -35.33 -7.77
CA VAL B 151 5.00 -35.47 -6.37
C VAL B 151 5.08 -34.05 -5.83
N VAL B 152 4.46 -33.85 -4.66
CA VAL B 152 4.39 -32.52 -4.05
C VAL B 152 4.71 -32.62 -2.58
N ASP B 153 5.30 -31.57 -2.02
CA ASP B 153 5.60 -31.53 -0.59
C ASP B 153 4.26 -31.56 0.16
N GLU B 154 4.24 -32.27 1.29
CA GLU B 154 3.04 -32.41 2.10
C GLU B 154 2.44 -31.06 2.48
N ASN B 155 3.27 -30.08 2.83
CA ASN B 155 2.74 -28.78 3.22
C ASN B 155 2.19 -27.94 2.05
N ALA B 156 2.21 -28.54 0.86
CA ALA B 156 1.66 -27.93 -0.34
C ALA B 156 0.54 -28.82 -0.92
N VAL B 157 -0.04 -29.68 -0.08
CA VAL B 157 -1.15 -30.53 -0.49
C VAL B 157 -2.29 -30.40 0.52
N ALA B 158 -3.48 -30.03 0.05
CA ALA B 158 -4.60 -29.91 0.98
C ALA B 158 -5.60 -31.05 0.81
N LYS B 159 -5.99 -31.68 1.92
CA LYS B 159 -7.01 -32.73 1.89
C LYS B 159 -8.38 -32.05 1.78
N ILE B 160 -9.23 -32.51 0.86
CA ILE B 160 -10.55 -31.89 0.70
C ILE B 160 -11.69 -32.92 0.87
N ASP B 161 -12.92 -32.41 0.90
CA ASP B 161 -14.15 -33.22 1.03
C ASP B 161 -14.08 -34.39 0.03
N ALA B 162 -14.26 -35.60 0.54
CA ALA B 162 -14.21 -36.80 -0.30
C ALA B 162 -15.25 -36.84 -1.44
N ALA B 163 -16.31 -36.06 -1.31
CA ALA B 163 -17.38 -36.02 -2.31
C ALA B 163 -17.19 -34.90 -3.33
N SER B 164 -16.04 -34.22 -3.28
CA SER B 164 -15.78 -33.10 -4.20
C SER B 164 -15.70 -33.48 -5.67
N PRO B 165 -16.37 -32.71 -6.55
CA PRO B 165 -16.31 -33.01 -8.00
C PRO B 165 -15.01 -32.32 -8.45
N LEU B 166 -13.97 -33.13 -8.63
CA LEU B 166 -12.64 -32.63 -8.97
C LEU B 166 -12.52 -31.79 -10.21
N GLU B 167 -13.39 -32.05 -11.19
CA GLU B 167 -13.38 -31.30 -12.44
C GLU B 167 -13.85 -29.86 -12.27
N LYS B 168 -14.46 -29.56 -11.13
CA LYS B 168 -14.91 -28.21 -10.81
C LYS B 168 -14.03 -27.56 -9.76
N VAL B 169 -13.82 -28.27 -8.65
CA VAL B 169 -13.06 -27.69 -7.54
C VAL B 169 -11.58 -27.41 -7.80
N CYS B 170 -11.03 -27.91 -8.91
CA CYS B 170 -9.63 -27.61 -9.19
C CYS B 170 -9.43 -26.10 -9.28
N LEU B 171 -10.46 -25.35 -9.67
CA LEU B 171 -10.31 -23.90 -9.76
C LEU B 171 -10.02 -23.26 -8.39
N ILE B 172 -10.51 -23.87 -7.33
CA ILE B 172 -10.26 -23.36 -5.98
C ILE B 172 -8.76 -23.46 -5.67
N GLY B 173 -8.06 -24.32 -6.40
CA GLY B 173 -6.63 -24.49 -6.24
C GLY B 173 -5.81 -23.24 -6.60
N CYS B 174 -6.36 -22.36 -7.43
CA CYS B 174 -5.62 -21.15 -7.75
C CYS B 174 -6.46 -19.94 -8.12
N GLY B 175 -7.06 -19.99 -9.30
CA GLY B 175 -7.83 -18.84 -9.80
C GLY B 175 -8.97 -18.28 -8.96
N PHE B 176 -9.87 -19.16 -8.52
CA PHE B 176 -10.99 -18.68 -7.74
C PHE B 176 -10.55 -18.15 -6.37
N SER B 177 -9.76 -18.93 -5.64
CA SER B 177 -9.31 -18.48 -4.33
C SER B 177 -8.54 -17.15 -4.42
N THR B 178 -7.67 -17.03 -5.41
CA THR B 178 -6.91 -15.80 -5.61
C THR B 178 -7.80 -14.59 -5.90
N GLY B 179 -8.68 -14.73 -6.89
CA GLY B 179 -9.55 -13.60 -7.24
C GLY B 179 -10.51 -13.20 -6.12
N TYR B 180 -11.20 -14.19 -5.60
CA TYR B 180 -12.17 -14.00 -4.54
C TYR B 180 -11.48 -13.43 -3.29
N GLY B 181 -10.39 -14.07 -2.86
CA GLY B 181 -9.69 -13.60 -1.67
C GLY B 181 -9.07 -12.24 -1.84
N SER B 182 -8.65 -11.91 -3.05
CA SER B 182 -8.06 -10.59 -3.28
C SER B 182 -9.06 -9.51 -2.85
N ALA B 183 -10.34 -9.76 -3.08
CA ALA B 183 -11.35 -8.78 -2.67
C ALA B 183 -11.67 -8.90 -1.18
N VAL B 184 -11.93 -10.12 -0.71
CA VAL B 184 -12.33 -10.35 0.67
C VAL B 184 -11.26 -10.28 1.76
N ASN B 185 -10.06 -10.74 1.45
CA ASN B 185 -9.00 -10.74 2.46
C ASN B 185 -7.98 -9.63 2.31
N VAL B 186 -7.57 -9.38 1.07
CA VAL B 186 -6.52 -8.41 0.79
C VAL B 186 -7.01 -6.97 0.80
N ALA B 187 -7.94 -6.66 -0.09
CA ALA B 187 -8.50 -5.31 -0.14
C ALA B 187 -9.46 -5.10 1.02
N LYS B 188 -10.12 -6.18 1.45
CA LYS B 188 -11.11 -6.13 2.52
C LYS B 188 -12.20 -5.15 2.09
N VAL B 189 -12.78 -5.44 0.93
CA VAL B 189 -13.85 -4.64 0.36
C VAL B 189 -14.97 -4.51 1.39
N THR B 190 -15.49 -3.29 1.54
CA THR B 190 -16.53 -2.99 2.53
C THR B 190 -17.91 -2.88 1.91
N PRO B 191 -18.97 -3.18 2.69
CA PRO B 191 -20.32 -3.07 2.14
C PRO B 191 -20.61 -1.62 1.73
N GLY B 192 -21.23 -1.45 0.56
CA GLY B 192 -21.58 -0.13 0.06
C GLY B 192 -20.49 0.66 -0.64
N SER B 193 -19.32 0.03 -0.80
CA SER B 193 -18.18 0.67 -1.44
C SER B 193 -18.21 0.53 -2.96
N THR B 194 -17.34 1.29 -3.64
CA THR B 194 -17.24 1.18 -5.08
C THR B 194 -15.92 0.50 -5.44
N CYS B 195 -15.98 -0.40 -6.44
CA CYS B 195 -14.80 -1.15 -6.87
C CYS B 195 -14.64 -1.12 -8.37
N ALA B 196 -13.41 -1.32 -8.82
CA ALA B 196 -13.10 -1.43 -10.25
C ALA B 196 -12.18 -2.64 -10.38
N VAL B 197 -12.56 -3.55 -11.28
CA VAL B 197 -11.75 -4.76 -11.53
C VAL B 197 -11.22 -4.76 -12.95
N PHE B 198 -9.91 -4.69 -13.09
CA PHE B 198 -9.25 -4.71 -14.40
C PHE B 198 -8.91 -6.15 -14.75
N GLY B 199 -9.51 -6.66 -15.83
CA GLY B 199 -9.24 -8.03 -16.27
C GLY B 199 -10.36 -8.97 -15.89
N LEU B 200 -10.95 -9.64 -16.87
CA LEU B 200 -12.07 -10.54 -16.63
C LEU B 200 -11.81 -11.99 -17.06
N GLY B 201 -10.64 -12.49 -16.67
CA GLY B 201 -10.29 -13.89 -16.92
C GLY B 201 -10.85 -14.62 -15.71
N GLY B 202 -10.43 -15.88 -15.50
CA GLY B 202 -10.92 -16.64 -14.36
C GLY B 202 -10.64 -15.98 -13.03
N VAL B 203 -9.47 -15.36 -12.90
CA VAL B 203 -9.09 -14.70 -11.64
C VAL B 203 -9.89 -13.40 -11.44
N GLY B 204 -9.95 -12.58 -12.49
CA GLY B 204 -10.67 -11.32 -12.41
C GLY B 204 -12.16 -11.49 -12.15
N LEU B 205 -12.78 -12.47 -12.80
CA LEU B 205 -14.21 -12.70 -12.56
C LEU B 205 -14.41 -13.20 -11.14
N SER B 206 -13.44 -13.93 -10.60
CA SER B 206 -13.53 -14.39 -9.22
C SER B 206 -13.42 -13.18 -8.29
N ALA B 207 -12.64 -12.16 -8.70
CA ALA B 207 -12.53 -10.94 -7.91
C ALA B 207 -13.89 -10.21 -7.92
N VAL B 208 -14.57 -10.27 -9.06
CA VAL B 208 -15.91 -9.66 -9.18
C VAL B 208 -16.84 -10.39 -8.20
N MET B 209 -16.75 -11.71 -8.14
CA MET B 209 -17.57 -12.46 -7.20
C MET B 209 -17.24 -12.06 -5.75
N GLY B 210 -15.95 -11.82 -5.48
CA GLY B 210 -15.54 -11.43 -4.14
C GLY B 210 -16.08 -10.07 -3.73
N CYS B 211 -16.05 -9.14 -4.67
CA CYS B 211 -16.56 -7.80 -4.40
C CYS B 211 -18.04 -7.87 -4.08
N LYS B 212 -18.77 -8.69 -4.85
CA LYS B 212 -20.20 -8.84 -4.62
C LYS B 212 -20.48 -9.48 -3.27
N ALA B 213 -19.71 -10.51 -2.94
CA ALA B 213 -19.89 -11.20 -1.66
C ALA B 213 -19.63 -10.24 -0.50
N ALA B 214 -18.71 -9.31 -0.71
CA ALA B 214 -18.34 -8.36 0.34
C ALA B 214 -19.34 -7.22 0.47
N GLY B 215 -20.32 -7.21 -0.43
CA GLY B 215 -21.36 -6.19 -0.39
C GLY B 215 -21.11 -4.86 -1.11
N ALA B 216 -20.15 -4.82 -2.04
CA ALA B 216 -19.89 -3.57 -2.76
C ALA B 216 -21.17 -3.05 -3.44
N ALA B 217 -21.33 -1.73 -3.48
CA ALA B 217 -22.50 -1.12 -4.10
C ALA B 217 -22.33 -1.07 -5.61
N ARG B 218 -21.08 -0.86 -6.04
CA ARG B 218 -20.77 -0.79 -7.45
C ARG B 218 -19.50 -1.58 -7.73
N ILE B 219 -19.53 -2.29 -8.85
CA ILE B 219 -18.38 -3.09 -9.28
C ILE B 219 -18.22 -2.85 -10.78
N ILE B 220 -17.24 -2.01 -11.12
CA ILE B 220 -16.97 -1.68 -12.51
C ILE B 220 -15.94 -2.62 -13.11
N ALA B 221 -16.38 -3.42 -14.08
CA ALA B 221 -15.53 -4.37 -14.77
C ALA B 221 -14.89 -3.70 -15.97
N VAL B 222 -13.58 -3.85 -16.10
CA VAL B 222 -12.82 -3.23 -17.17
C VAL B 222 -12.07 -4.31 -17.96
N ASP B 223 -12.27 -4.33 -19.28
CA ASP B 223 -11.58 -5.29 -20.13
C ASP B 223 -11.69 -4.82 -21.57
N ILE B 224 -10.64 -5.07 -22.35
CA ILE B 224 -10.65 -4.72 -23.76
C ILE B 224 -11.42 -5.74 -24.61
N ASN B 225 -11.81 -6.85 -24.00
CA ASN B 225 -12.58 -7.89 -24.69
C ASN B 225 -14.02 -7.83 -24.17
N LYS B 226 -14.88 -7.16 -24.93
CA LYS B 226 -16.28 -7.01 -24.56
C LYS B 226 -17.07 -8.31 -24.46
N ASP B 227 -16.53 -9.39 -25.01
CA ASP B 227 -17.20 -10.68 -24.95
C ASP B 227 -17.20 -11.23 -23.52
N LYS B 228 -16.41 -10.63 -22.63
CA LYS B 228 -16.35 -11.08 -21.24
C LYS B 228 -17.39 -10.33 -20.37
N PHE B 229 -18.03 -9.30 -20.93
CA PHE B 229 -19.00 -8.50 -20.17
C PHE B 229 -20.25 -9.22 -19.66
N ALA B 230 -20.81 -10.14 -20.46
CA ALA B 230 -22.00 -10.85 -19.99
C ALA B 230 -21.75 -11.63 -18.70
N LYS B 231 -20.64 -12.37 -18.68
CA LYS B 231 -20.28 -13.14 -17.49
C LYS B 231 -19.96 -12.20 -16.31
N ALA B 232 -19.31 -11.07 -16.58
CA ALA B 232 -19.00 -10.13 -15.49
C ALA B 232 -20.30 -9.65 -14.83
N LYS B 233 -21.30 -9.32 -15.66
CA LYS B 233 -22.61 -8.88 -15.14
C LYS B 233 -23.30 -10.02 -14.37
N GLU B 234 -23.22 -11.21 -14.92
CA GLU B 234 -23.82 -12.39 -14.28
C GLU B 234 -23.26 -12.58 -12.88
N LEU B 235 -21.95 -12.35 -12.75
CA LEU B 235 -21.28 -12.55 -11.47
C LEU B 235 -21.28 -11.36 -10.51
N GLY B 236 -21.87 -10.23 -10.92
CA GLY B 236 -21.91 -9.10 -10.00
C GLY B 236 -21.57 -7.71 -10.51
N ALA B 237 -20.89 -7.62 -11.65
CA ALA B 237 -20.52 -6.32 -12.17
C ALA B 237 -21.77 -5.45 -12.40
N THR B 238 -21.69 -4.19 -11.97
CA THR B 238 -22.79 -3.25 -12.12
C THR B 238 -22.64 -2.42 -13.40
N GLU B 239 -21.38 -2.30 -13.86
CA GLU B 239 -21.05 -1.56 -15.08
C GLU B 239 -19.87 -2.25 -15.75
N CYS B 240 -19.84 -2.24 -17.07
CA CYS B 240 -18.73 -2.86 -17.81
C CYS B 240 -18.24 -1.87 -18.83
N ILE B 241 -16.94 -1.57 -18.80
CA ILE B 241 -16.38 -0.62 -19.75
C ILE B 241 -15.13 -1.13 -20.45
N ASN B 242 -14.99 -0.75 -21.71
CA ASN B 242 -13.89 -1.16 -22.53
C ASN B 242 -13.02 0.07 -22.79
N PRO B 243 -11.75 0.07 -22.32
CA PRO B 243 -10.89 1.24 -22.55
C PRO B 243 -10.78 1.68 -24.00
N GLN B 244 -10.94 0.73 -24.92
CA GLN B 244 -10.84 1.05 -26.34
C GLN B 244 -11.92 1.98 -26.86
N ASP B 245 -13.03 2.10 -26.12
CA ASP B 245 -14.14 2.98 -26.50
C ASP B 245 -13.89 4.45 -26.19
N TYR B 246 -12.82 4.74 -25.44
CA TYR B 246 -12.52 6.09 -24.97
C TYR B 246 -11.33 6.82 -25.54
N LYS B 247 -11.45 8.14 -25.62
CA LYS B 247 -10.36 8.99 -26.08
C LYS B 247 -9.54 9.36 -24.84
N LYS B 248 -10.21 9.39 -23.70
CA LYS B 248 -9.62 9.73 -22.42
C LYS B 248 -8.98 8.53 -21.74
N PRO B 249 -7.92 8.74 -20.93
CA PRO B 249 -7.23 7.66 -20.24
C PRO B 249 -8.28 7.01 -19.31
N ILE B 250 -8.25 5.67 -19.22
CA ILE B 250 -9.24 4.95 -18.43
C ILE B 250 -9.36 5.35 -16.95
N GLN B 251 -8.24 5.70 -16.32
CA GLN B 251 -8.30 6.10 -14.92
C GLN B 251 -9.12 7.37 -14.75
N GLU B 252 -9.06 8.26 -15.76
CA GLU B 252 -9.81 9.52 -15.72
C GLU B 252 -11.29 9.21 -15.88
N VAL B 253 -11.59 8.33 -16.82
CA VAL B 253 -12.97 7.89 -17.04
C VAL B 253 -13.55 7.31 -15.74
N LEU B 254 -12.80 6.42 -15.09
CA LEU B 254 -13.25 5.81 -13.86
C LEU B 254 -13.48 6.80 -12.72
N LYS B 255 -12.57 7.75 -12.56
CA LYS B 255 -12.72 8.74 -11.50
C LYS B 255 -13.97 9.59 -11.73
N GLU B 256 -14.23 9.92 -12.98
CA GLU B 256 -15.41 10.72 -13.31
C GLU B 256 -16.74 9.97 -13.17
N MET B 257 -16.66 8.64 -13.12
CA MET B 257 -17.85 7.78 -12.94
C MET B 257 -18.10 7.53 -11.46
N THR B 258 -17.10 7.84 -10.64
CA THR B 258 -17.16 7.52 -9.22
C THR B 258 -16.84 8.60 -8.19
N ASP B 259 -17.16 9.85 -8.52
CA ASP B 259 -16.95 10.94 -7.57
C ASP B 259 -15.47 11.05 -7.16
N GLY B 260 -14.57 10.94 -8.13
CA GLY B 260 -13.15 11.08 -7.84
C GLY B 260 -12.33 9.82 -7.73
N GLY B 261 -12.98 8.68 -7.85
CA GLY B 261 -12.26 7.41 -7.78
C GLY B 261 -12.90 6.34 -6.94
N VAL B 262 -12.61 5.09 -7.27
CA VAL B 262 -13.19 3.98 -6.51
C VAL B 262 -12.53 3.80 -5.15
N ASP B 263 -13.24 3.13 -4.26
CA ASP B 263 -12.72 2.83 -2.94
C ASP B 263 -11.69 1.70 -3.08
N PHE B 264 -11.97 0.76 -3.99
CA PHE B 264 -11.09 -0.40 -4.21
C PHE B 264 -10.89 -0.73 -5.68
N SER B 265 -9.63 -0.81 -6.11
CA SER B 265 -9.33 -1.18 -7.49
C SER B 265 -8.44 -2.40 -7.49
N PHE B 266 -8.63 -3.24 -8.49
CA PHE B 266 -7.86 -4.48 -8.60
C PHE B 266 -7.25 -4.62 -9.99
N GLU B 267 -5.96 -4.93 -10.06
CA GLU B 267 -5.36 -5.20 -11.38
C GLU B 267 -5.25 -6.74 -11.44
N VAL B 268 -5.91 -7.37 -12.41
CA VAL B 268 -5.90 -8.83 -12.53
C VAL B 268 -5.66 -9.22 -13.98
N ILE B 269 -4.55 -8.69 -14.50
CA ILE B 269 -4.14 -8.91 -15.88
C ILE B 269 -2.67 -9.26 -15.92
N GLY B 270 -1.83 -8.35 -15.42
CA GLY B 270 -0.39 -8.55 -15.40
C GLY B 270 0.41 -7.62 -16.31
N ARG B 271 -0.10 -6.40 -16.50
CA ARG B 271 0.56 -5.39 -17.33
C ARG B 271 0.88 -4.13 -16.54
N LEU B 272 2.00 -3.50 -16.86
CA LEU B 272 2.38 -2.29 -16.15
C LEU B 272 1.39 -1.14 -16.39
N ASP B 273 0.88 -1.02 -17.62
CA ASP B 273 -0.04 0.07 -17.91
C ASP B 273 -1.35 -0.04 -17.12
N THR B 274 -1.88 -1.25 -17.00
CA THR B 274 -3.10 -1.44 -16.24
C THR B 274 -2.84 -1.39 -14.74
N MET B 275 -1.62 -1.73 -14.29
CA MET B 275 -1.30 -1.60 -12.86
C MET B 275 -1.29 -0.12 -12.48
N MET B 276 -0.78 0.71 -13.39
CA MET B 276 -0.73 2.15 -13.19
C MET B 276 -2.14 2.73 -13.22
N ALA B 277 -2.93 2.32 -14.22
CA ALA B 277 -4.30 2.80 -14.36
C ALA B 277 -5.12 2.44 -13.11
N SER B 278 -4.95 1.21 -12.65
CA SER B 278 -5.66 0.73 -11.46
C SER B 278 -5.33 1.56 -10.22
N LEU B 279 -4.04 1.85 -10.01
CA LEU B 279 -3.65 2.67 -8.85
C LEU B 279 -4.26 4.07 -8.98
N LEU B 280 -4.12 4.64 -10.18
CA LEU B 280 -4.64 5.99 -10.42
C LEU B 280 -6.14 6.13 -10.34
N CYS B 281 -6.89 5.06 -10.59
CA CYS B 281 -8.36 5.19 -10.55
C CYS B 281 -9.02 5.11 -9.18
N CYS B 282 -8.27 4.69 -8.15
CA CYS B 282 -8.85 4.66 -6.81
C CYS B 282 -8.69 6.07 -6.22
N HIS B 283 -9.65 6.47 -5.41
CA HIS B 283 -9.64 7.81 -4.83
C HIS B 283 -8.33 8.14 -4.12
N GLU B 284 -7.80 9.32 -4.40
CA GLU B 284 -6.51 9.71 -3.83
C GLU B 284 -6.46 9.82 -2.31
N ALA B 285 -7.61 10.01 -1.68
CA ALA B 285 -7.65 10.16 -0.22
C ALA B 285 -8.09 8.92 0.52
N CYS B 286 -8.83 8.05 -0.15
CA CYS B 286 -9.32 6.86 0.57
C CYS B 286 -9.31 5.59 -0.23
N GLY B 287 -8.61 5.60 -1.35
CA GLY B 287 -8.55 4.42 -2.20
C GLY B 287 -7.52 3.40 -1.83
N THR B 288 -7.83 2.15 -2.15
CA THR B 288 -6.94 1.02 -1.93
C THR B 288 -6.88 0.30 -3.24
N SER B 289 -5.66 0.01 -3.68
CA SER B 289 -5.47 -0.70 -4.93
C SER B 289 -4.66 -1.95 -4.71
N VAL B 290 -5.16 -3.06 -5.24
CA VAL B 290 -4.52 -4.37 -5.08
C VAL B 290 -3.98 -4.92 -6.38
N ILE B 291 -2.69 -5.28 -6.36
CA ILE B 291 -2.10 -5.88 -7.56
C ILE B 291 -2.26 -7.38 -7.41
N VAL B 292 -2.87 -7.99 -8.43
CA VAL B 292 -3.08 -9.42 -8.45
C VAL B 292 -2.34 -10.03 -9.63
N GLY B 293 -2.33 -9.32 -10.76
CA GLY B 293 -1.66 -9.84 -11.96
C GLY B 293 -0.16 -9.99 -11.77
N VAL B 294 0.44 -10.98 -12.45
CA VAL B 294 1.88 -11.19 -12.37
C VAL B 294 2.48 -10.33 -13.49
N PRO B 295 3.35 -9.37 -13.15
CA PRO B 295 3.97 -8.50 -14.16
C PRO B 295 5.08 -9.19 -14.95
N PRO B 296 5.45 -8.62 -16.12
CA PRO B 296 6.52 -9.19 -16.95
C PRO B 296 7.85 -9.07 -16.23
N ALA B 297 8.64 -10.13 -16.35
CA ALA B 297 9.94 -10.24 -15.74
C ALA B 297 10.85 -9.01 -15.82
N SER B 298 11.38 -8.61 -14.67
CA SER B 298 12.32 -7.50 -14.54
C SER B 298 11.88 -6.15 -15.05
N GLN B 299 10.58 -5.91 -15.13
CA GLN B 299 10.08 -4.62 -15.59
C GLN B 299 9.53 -3.80 -14.42
N ASN B 300 9.81 -2.49 -14.45
CA ASN B 300 9.39 -1.58 -13.39
C ASN B 300 8.38 -0.53 -13.79
N LEU B 301 7.61 -0.11 -12.78
CA LEU B 301 6.62 0.95 -12.88
C LEU B 301 7.27 2.25 -12.43
N SER B 302 6.78 3.36 -12.96
CA SER B 302 7.30 4.66 -12.56
C SER B 302 6.17 5.36 -11.82
N ILE B 303 6.30 5.53 -10.51
CA ILE B 303 5.23 6.22 -9.76
C ILE B 303 5.71 7.40 -8.95
N ASN B 304 4.89 8.44 -8.95
CA ASN B 304 5.15 9.65 -8.17
C ASN B 304 4.65 9.33 -6.75
N PRO B 305 5.52 9.41 -5.72
CA PRO B 305 5.11 9.10 -4.34
C PRO B 305 3.92 9.92 -3.83
N MET B 306 3.66 11.07 -4.45
CA MET B 306 2.53 11.88 -4.03
C MET B 306 1.22 11.12 -4.20
N LEU B 307 1.22 10.13 -5.11
CA LEU B 307 0.02 9.32 -5.33
C LEU B 307 -0.38 8.58 -4.06
N LEU B 308 0.64 8.24 -3.25
CA LEU B 308 0.40 7.54 -1.99
C LEU B 308 0.26 8.51 -0.80
N LEU B 309 1.07 9.57 -0.80
CA LEU B 309 1.07 10.56 0.29
C LEU B 309 -0.30 11.18 0.61
N THR B 310 -1.18 11.29 -0.39
CA THR B 310 -2.50 11.87 -0.15
C THR B 310 -3.41 10.94 0.64
N GLY B 311 -3.06 9.66 0.71
CA GLY B 311 -3.89 8.73 1.47
C GLY B 311 -4.17 7.38 0.87
N ARG B 312 -3.56 7.06 -0.28
CA ARG B 312 -3.79 5.77 -0.91
C ARG B 312 -3.00 4.64 -0.24
N THR B 313 -3.51 3.41 -0.43
CA THR B 313 -2.91 2.18 0.06
C THR B 313 -2.74 1.31 -1.17
N TRP B 314 -1.51 0.92 -1.44
CA TRP B 314 -1.19 0.09 -2.61
C TRP B 314 -0.65 -1.23 -2.07
N LYS B 315 -1.25 -2.33 -2.46
CA LYS B 315 -0.76 -3.60 -1.97
C LYS B 315 -0.86 -4.70 -2.98
N GLY B 316 -0.15 -5.79 -2.69
CA GLY B 316 -0.19 -6.95 -3.56
C GLY B 316 -0.29 -8.22 -2.72
N ALA B 317 -0.62 -9.35 -3.35
CA ALA B 317 -0.69 -10.62 -2.63
C ALA B 317 -0.75 -11.79 -3.57
N VAL B 318 -0.36 -12.94 -3.05
CA VAL B 318 -0.53 -14.17 -3.82
C VAL B 318 -1.68 -14.90 -3.17
N TYR B 319 -2.34 -15.75 -3.94
CA TYR B 319 -3.43 -16.60 -3.46
C TYR B 319 -4.57 -15.88 -2.78
N GLY B 320 -4.78 -14.62 -3.14
CA GLY B 320 -5.87 -13.87 -2.52
C GLY B 320 -5.71 -13.73 -1.01
N GLY B 321 -4.48 -13.89 -0.53
CA GLY B 321 -4.21 -13.76 0.90
C GLY B 321 -4.53 -14.99 1.73
N PHE B 322 -5.10 -16.03 1.12
CA PHE B 322 -5.44 -17.21 1.91
C PHE B 322 -4.23 -18.02 2.34
N LYS B 323 -4.19 -18.42 3.62
CA LYS B 323 -3.15 -19.35 4.05
C LYS B 323 -3.64 -20.62 3.30
N SER B 324 -2.79 -21.11 2.42
CA SER B 324 -3.18 -22.19 1.50
C SER B 324 -3.73 -23.49 1.98
N LYS B 325 -3.02 -24.16 2.88
CA LYS B 325 -3.47 -25.47 3.33
C LYS B 325 -4.73 -25.43 4.21
N GLU B 326 -4.86 -24.40 5.05
CA GLU B 326 -6.06 -24.28 5.87
C GLU B 326 -7.22 -23.67 5.10
N GLY B 327 -6.89 -22.77 4.17
CA GLY B 327 -7.92 -22.05 3.43
C GLY B 327 -8.61 -22.76 2.29
N ILE B 328 -7.84 -23.52 1.50
CA ILE B 328 -8.42 -24.21 0.36
C ILE B 328 -9.55 -25.20 0.74
N PRO B 329 -9.35 -26.02 1.77
CA PRO B 329 -10.43 -26.97 2.13
C PRO B 329 -11.71 -26.28 2.60
N LYS B 330 -11.59 -25.10 3.24
CA LYS B 330 -12.75 -24.34 3.72
C LYS B 330 -13.54 -23.82 2.53
N LEU B 331 -12.82 -23.37 1.49
CA LEU B 331 -13.48 -22.90 0.28
C LEU B 331 -14.19 -24.07 -0.41
N VAL B 332 -13.57 -25.24 -0.40
CA VAL B 332 -14.20 -26.43 -0.99
C VAL B 332 -15.46 -26.76 -0.18
N ALA B 333 -15.37 -26.67 1.15
CA ALA B 333 -16.55 -26.95 1.98
C ALA B 333 -17.67 -25.93 1.69
N ASP B 334 -17.31 -24.66 1.45
CA ASP B 334 -18.32 -23.65 1.13
C ASP B 334 -18.97 -24.01 -0.22
N PHE B 335 -18.16 -24.48 -1.15
CA PHE B 335 -18.66 -24.90 -2.47
C PHE B 335 -19.63 -26.07 -2.34
N MET B 336 -19.27 -27.06 -1.55
CA MET B 336 -20.12 -28.23 -1.35
C MET B 336 -21.43 -27.83 -0.67
N ALA B 337 -21.36 -26.78 0.14
CA ALA B 337 -22.55 -26.26 0.84
C ALA B 337 -23.37 -25.33 -0.06
N LYS B 338 -22.95 -25.20 -1.32
CA LYS B 338 -23.62 -24.38 -2.33
C LYS B 338 -23.58 -22.87 -2.10
N LYS B 339 -22.56 -22.41 -1.37
CA LYS B 339 -22.41 -20.97 -1.11
C LYS B 339 -22.10 -20.23 -2.41
N PHE B 340 -21.40 -20.91 -3.33
CA PHE B 340 -21.05 -20.34 -4.63
C PHE B 340 -20.90 -21.46 -5.65
N SER B 341 -20.97 -21.09 -6.93
CA SER B 341 -20.82 -22.04 -8.02
C SER B 341 -19.63 -21.60 -8.85
N LEU B 342 -19.04 -22.55 -9.56
CA LEU B 342 -17.87 -22.31 -10.41
C LEU B 342 -18.23 -22.53 -11.89
N ASP B 343 -19.46 -22.97 -12.15
CA ASP B 343 -19.89 -23.23 -13.51
C ASP B 343 -19.64 -22.10 -14.51
N ALA B 344 -19.95 -20.88 -14.11
CA ALA B 344 -19.77 -19.73 -15.00
C ALA B 344 -18.31 -19.53 -15.45
N LEU B 345 -17.37 -19.96 -14.61
CA LEU B 345 -15.96 -19.82 -14.92
C LEU B 345 -15.40 -20.89 -15.85
N ILE B 346 -16.03 -22.06 -15.86
CA ILE B 346 -15.55 -23.18 -16.68
C ILE B 346 -16.28 -23.16 -18.02
N THR B 347 -15.60 -22.61 -19.03
CA THR B 347 -16.18 -22.47 -20.35
C THR B 347 -15.87 -23.60 -21.32
N HIS B 348 -14.79 -24.33 -21.05
CA HIS B 348 -14.38 -25.40 -21.93
C HIS B 348 -13.78 -26.55 -21.16
N VAL B 349 -13.96 -27.75 -21.69
CA VAL B 349 -13.40 -28.94 -21.07
C VAL B 349 -12.75 -29.76 -22.17
N LEU B 350 -11.53 -30.22 -21.91
CA LEU B 350 -10.78 -30.99 -22.89
C LEU B 350 -9.93 -32.05 -22.22
N PRO B 351 -9.62 -33.12 -22.94
CA PRO B 351 -8.78 -34.13 -22.30
C PRO B 351 -7.35 -33.56 -22.22
N PHE B 352 -6.62 -34.02 -21.22
CA PHE B 352 -5.25 -33.59 -21.00
C PHE B 352 -4.38 -33.59 -22.26
N GLU B 353 -4.58 -34.59 -23.12
CA GLU B 353 -3.82 -34.71 -24.35
C GLU B 353 -3.95 -33.50 -25.29
N LYS B 354 -5.04 -32.76 -25.16
CA LYS B 354 -5.30 -31.58 -25.97
C LYS B 354 -4.92 -30.29 -25.26
N ILE B 355 -3.92 -30.35 -24.38
CA ILE B 355 -3.45 -29.19 -23.65
C ILE B 355 -3.10 -27.99 -24.56
N ASN B 356 -2.51 -28.24 -25.72
CA ASN B 356 -2.16 -27.14 -26.62
C ASN B 356 -3.40 -26.41 -27.14
N GLU B 357 -4.46 -27.17 -27.40
CA GLU B 357 -5.72 -26.56 -27.83
C GLU B 357 -6.26 -25.70 -26.70
N GLY B 358 -6.01 -26.14 -25.47
CA GLY B 358 -6.47 -25.40 -24.31
C GLY B 358 -5.78 -24.06 -24.21
N PHE B 359 -4.49 -24.04 -24.52
CA PHE B 359 -3.73 -22.80 -24.51
C PHE B 359 -4.16 -21.92 -25.70
N ASP B 360 -4.51 -22.55 -26.82
CA ASP B 360 -4.99 -21.80 -27.98
C ASP B 360 -6.26 -21.04 -27.61
N LEU B 361 -7.12 -21.68 -26.83
CA LEU B 361 -8.37 -21.06 -26.38
C LEU B 361 -8.09 -19.86 -25.50
N LEU B 362 -7.13 -20.01 -24.59
CA LEU B 362 -6.74 -18.94 -23.69
C LEU B 362 -6.28 -17.73 -24.49
N HIS B 363 -5.39 -17.97 -25.45
CA HIS B 363 -4.83 -16.92 -26.30
C HIS B 363 -5.86 -16.21 -27.14
N SER B 364 -6.88 -16.96 -27.58
CA SER B 364 -7.93 -16.42 -28.42
C SER B 364 -8.94 -15.52 -27.71
N GLY B 365 -9.02 -15.66 -26.39
CA GLY B 365 -9.98 -14.90 -25.60
C GLY B 365 -11.37 -15.51 -25.50
N LYS B 366 -11.54 -16.70 -26.10
CA LYS B 366 -12.84 -17.37 -26.08
C LYS B 366 -13.13 -18.13 -24.78
N SER B 367 -12.07 -18.44 -24.03
CA SER B 367 -12.26 -19.19 -22.81
C SER B 367 -12.01 -18.34 -21.58
N ILE B 368 -12.61 -18.77 -20.46
CA ILE B 368 -12.34 -18.16 -19.17
C ILE B 368 -11.44 -19.28 -18.65
N ARG B 369 -11.99 -20.31 -18.04
CA ARG B 369 -11.16 -21.45 -17.64
C ARG B 369 -11.44 -22.69 -18.49
N THR B 370 -10.38 -23.29 -19.03
CA THR B 370 -10.50 -24.56 -19.71
C THR B 370 -9.98 -25.55 -18.68
N VAL B 371 -10.75 -26.60 -18.42
CA VAL B 371 -10.34 -27.61 -17.46
C VAL B 371 -9.96 -28.85 -18.26
N LEU B 372 -8.79 -29.41 -17.96
CA LEU B 372 -8.31 -30.60 -18.66
C LEU B 372 -8.57 -31.82 -17.78
N THR B 373 -9.07 -32.88 -18.41
CA THR B 373 -9.36 -34.11 -17.70
C THR B 373 -8.37 -35.22 -18.02
N PHE B 374 -7.96 -35.97 -17.01
CA PHE B 374 -7.00 -37.06 -17.21
C PHE B 374 -7.61 -38.43 -17.40
ZN ZN C . -13.81 17.97 3.70
ZN ZN D . 4.76 20.66 8.59
PA NAD E . 13.98 17.38 9.19
O1A NAD E . 14.83 17.94 8.08
O2A NAD E . 14.04 18.09 10.47
O5B NAD E . 14.41 15.89 9.51
C5B NAD E . 14.97 15.07 8.42
C4B NAD E . 15.92 14.05 9.03
O4B NAD E . 16.27 13.13 7.98
C3B NAD E . 17.17 14.75 9.61
O3B NAD E . 17.49 14.18 10.89
C2B NAD E . 18.18 14.30 8.53
O2B NAD E . 19.52 14.21 9.06
C1B NAD E . 17.69 12.89 8.07
N9A NAD E . 18.19 12.67 6.75
C8A NAD E . 18.30 13.54 5.65
N7A NAD E . 18.79 12.94 4.51
C5A NAD E . 19.01 11.66 4.91
C6A NAD E . 19.46 10.59 4.15
N6A NAD E . 19.80 10.66 2.84
N1A NAD E . 19.54 9.37 4.80
C2A NAD E . 19.16 9.23 6.14
N3A NAD E . 18.70 10.31 6.93
C4A NAD E . 18.63 11.49 6.23
O3 NAD E . 12.49 17.25 8.58
PN NAD E . 11.07 17.20 9.30
O1N NAD E . 10.53 18.53 9.66
O2N NAD E . 11.08 16.17 10.40
O5D NAD E . 10.17 16.61 8.07
C5D NAD E . 10.46 15.32 7.57
C4D NAD E . 9.69 15.14 6.26
O4D NAD E . 8.28 15.11 6.57
C3D NAD E . 9.89 16.35 5.32
O3D NAD E . 9.98 15.88 3.95
C2D NAD E . 8.55 17.09 5.50
O2D NAD E . 8.26 17.85 4.30
C1D NAD E . 7.56 15.93 5.61
N1N NAD E . 6.28 16.24 6.27
C2N NAD E . 5.17 15.57 5.87
C3N NAD E . 3.98 15.69 6.48
C7N NAD E . 2.87 14.96 6.04
O7N NAD E . 1.70 15.28 6.33
N7N NAD E . 3.00 13.84 5.32
C4N NAD E . 3.88 16.57 7.56
C5N NAD E . 4.98 17.24 7.98
C6N NAD E . 6.20 17.08 7.35
C1 BNF F . 2.24 19.71 0.91
C2 BNF F . 1.68 18.59 0.31
C3 BNF F . 1.53 17.40 1.06
C4 BNF F . 2.00 17.34 2.39
C5 BNF F . 2.56 18.48 3.00
C6 BNF F . 2.69 19.64 2.23
C12 BNF F . 3.05 18.44 4.43
N13 BNF F . 2.43 19.53 5.20
C14 BNF F . 3.01 20.14 6.22
O16 BNF F . 4.15 19.88 6.60
ZN ZN G . 5.79 -21.26 6.16
ZN ZN H . -2.70 -19.77 -11.19
P PO4 I . 17.65 -34.20 -8.96
O1 PO4 I . 19.00 -34.31 -8.37
O2 PO4 I . 17.13 -32.81 -8.77
O3 PO4 I . 16.74 -35.18 -8.29
O4 PO4 I . 17.72 -34.50 -10.42
PA NAD J . -6.62 -14.28 -18.36
O1A NAD J . -5.63 -14.09 -19.45
O2A NAD J . -7.57 -15.41 -18.54
O5B NAD J . -7.51 -12.92 -18.17
C5B NAD J . -6.86 -11.63 -18.46
C4B NAD J . -8.03 -10.73 -18.84
O4B NAD J . -7.45 -9.40 -18.98
C3B NAD J . -8.63 -11.16 -20.19
O3B NAD J . -10.06 -11.12 -20.11
C2B NAD J . -8.09 -10.02 -21.07
O2B NAD J . -9.01 -9.73 -22.14
C1B NAD J . -7.96 -8.79 -20.15
N9A NAD J . -6.94 -7.92 -20.66
C8A NAD J . -5.70 -8.25 -21.23
N7A NAD J . -4.95 -7.13 -21.57
C5A NAD J . -5.75 -6.09 -21.19
C6A NAD J . -5.52 -4.75 -21.32
N6A NAD J . -4.39 -4.24 -21.85
N1A NAD J . -6.52 -3.92 -20.88
C2A NAD J . -7.71 -4.39 -20.35
N3A NAD J . -7.96 -5.76 -20.22
C4A NAD J . -6.92 -6.54 -20.67
O3 NAD J . -5.76 -14.40 -17.01
PN NAD J . -6.08 -15.07 -15.56
O1N NAD J . -5.77 -16.52 -15.58
O2N NAD J . -7.41 -14.67 -15.05
O5D NAD J . -4.90 -14.37 -14.77
C5D NAD J . -4.86 -12.95 -14.52
C4D NAD J . -3.51 -12.53 -13.91
O4D NAD J . -3.45 -13.08 -12.59
C3D NAD J . -2.32 -13.14 -14.72
O3D NAD J . -1.24 -12.20 -14.79
C2D NAD J . -1.94 -14.30 -13.76
O2D NAD J . -0.56 -14.64 -13.94
C1D NAD J . -2.15 -13.64 -12.39
N1N NAD J . -2.31 -14.56 -11.25
C2N NAD J . -1.90 -14.20 -10.01
C3N NAD J . -2.12 -14.92 -8.90
C7N NAD J . -1.69 -14.46 -7.67
O7N NAD J . -1.53 -15.17 -6.67
N7N NAD J . -1.44 -13.15 -7.45
C4N NAD J . -2.80 -16.12 -9.01
C5N NAD J . -3.24 -16.50 -10.23
C6N NAD J . -3.00 -15.72 -11.37
C1 BNF K . 4.71 -16.88 -9.54
C2 BNF K . 5.06 -15.80 -8.77
C3 BNF K . 4.05 -15.01 -8.19
C4 BNF K . 2.69 -15.34 -8.36
C5 BNF K . 2.34 -16.45 -9.14
C6 BNF K . 3.36 -17.21 -9.72
C12 BNF K . 0.89 -16.81 -9.32
N13 BNF K . 0.65 -18.24 -9.07
C14 BNF K . -0.29 -18.94 -9.68
O16 BNF K . -0.99 -18.50 -10.59
#